data_9FVA
#
_entry.id   9FVA
#
_cell.length_a   1.00
_cell.length_b   1.00
_cell.length_c   1.00
_cell.angle_alpha   90.00
_cell.angle_beta   90.00
_cell.angle_gamma   90.00
#
_symmetry.space_group_name_H-M   'P 1'
#
_entity_poly.entity_id   1
_entity_poly.type   'polypeptide(L)'
_entity_poly.pdbx_seq_one_letter_code
;MHNDKDLSTWQTFRRLWPTIAPFKAGLIVAGVALILNAASDTFMLSLLKPLLDDGFGKTDRSVLVWMPLVVIGLMILRGI
TSYVSSYCISWVSGKVVMTMRRRLFGHMMGMPVSFFDKQSTGTLLSRITYDSEQVASSSSGALITVVREGASIIGLFIMM
FYYSWQLSIILIVLAPIVSIAIRVVSKRFRNISKNMQNTMGQVTTSAEQMLKGHKEVLIFGGQEVETKRFDKVSNRMRLQ
GMKMVSASSISDPIIQLIASLALAFVLYAASFPSVMDSLTAGTITVVFSSMIALMRPLKSLTNVNAQFQRGMAACQTLFT
ILDSEQEKDEGKRVIERATGDVEFRNVTFTYPGRDVPALRNINLKIPAGKTVALVGRSGSGKSTIASLITRFYDIDEGEI
LMDGHDLREYTLASLRNQVALVSQNVHLFNDTVANNIAYARTEQYSREQIEEAARMAYAMDFINKMDNGLDTVIGENGVL
LSGGQRQRIAIARALLRDSPILILDEATSALDTESERAIQAALDELQKNRTSLVIAHRLSTIEKADEIVVVEDGVIVERG
THNDLLEHRGVYAQLHKMQFGQ
;
_entity_poly.pdbx_strand_id   B,A
#
# COMPACT_ATOMS: atom_id res chain seq x y z
N THR A 12 -29.00 15.31 3.60
CA THR A 12 -27.74 15.85 4.18
C THR A 12 -27.05 16.78 3.20
N PHE A 13 -26.65 16.21 2.05
CA PHE A 13 -25.99 16.96 0.98
C PHE A 13 -26.66 16.51 -0.33
N ARG A 14 -27.72 17.22 -0.69
CA ARG A 14 -28.63 16.79 -1.76
C ARG A 14 -28.28 17.43 -3.09
N ARG A 15 -27.04 17.86 -3.29
CA ARG A 15 -26.65 18.45 -4.57
C ARG A 15 -26.64 17.43 -5.70
N LEU A 16 -26.71 16.14 -5.37
CA LEU A 16 -26.86 15.12 -6.41
C LEU A 16 -28.31 14.93 -6.83
N TRP A 17 -29.26 15.64 -6.22
CA TRP A 17 -30.65 15.48 -6.59
C TRP A 17 -31.00 16.25 -7.87
N PRO A 18 -30.51 17.47 -8.07
CA PRO A 18 -30.76 18.12 -9.37
C PRO A 18 -30.25 17.33 -10.55
N THR A 19 -29.06 16.74 -10.45
CA THR A 19 -28.46 16.09 -11.61
C THR A 19 -29.11 14.76 -11.95
N ILE A 20 -29.87 14.15 -11.03
CA ILE A 20 -30.70 13.00 -11.37
C ILE A 20 -32.09 13.41 -11.85
N ALA A 21 -32.40 14.70 -11.85
CA ALA A 21 -33.71 15.14 -12.32
C ALA A 21 -34.03 14.72 -13.75
N PRO A 22 -33.15 14.87 -14.74
CA PRO A 22 -33.50 14.39 -16.09
C PRO A 22 -33.67 12.89 -16.16
N PHE A 23 -33.16 12.13 -15.19
CA PHE A 23 -33.24 10.69 -15.14
C PHE A 23 -33.88 10.20 -13.86
N LYS A 24 -34.69 11.05 -13.20
CA LYS A 24 -35.33 10.65 -11.96
C LYS A 24 -36.32 9.51 -12.17
N ALA A 25 -36.85 9.35 -13.38
CA ALA A 25 -37.82 8.30 -13.67
C ALA A 25 -37.21 6.91 -13.65
N GLY A 26 -35.88 6.78 -13.61
CA GLY A 26 -35.28 5.46 -13.60
C GLY A 26 -35.69 4.65 -12.38
N LEU A 27 -35.67 5.26 -11.20
CA LEU A 27 -36.03 4.53 -9.99
C LEU A 27 -37.52 4.19 -9.97
N ILE A 28 -38.36 5.12 -10.40
CA ILE A 28 -39.79 4.86 -10.42
C ILE A 28 -40.11 3.72 -11.38
N VAL A 29 -39.40 3.68 -12.53
CA VAL A 29 -39.59 2.57 -13.45
C VAL A 29 -39.05 1.28 -12.84
N ALA A 30 -37.95 1.36 -12.11
CA ALA A 30 -37.38 0.19 -11.46
C ALA A 30 -38.22 -0.31 -10.29
N GLY A 31 -39.15 0.50 -9.77
CA GLY A 31 -39.92 0.16 -8.59
C GLY A 31 -40.54 -1.23 -8.63
N VAL A 32 -41.08 -1.62 -9.78
CA VAL A 32 -41.62 -2.97 -9.92
C VAL A 32 -40.55 -3.99 -9.61
N ALA A 33 -39.34 -3.80 -10.13
CA ALA A 33 -38.26 -4.75 -9.86
C ALA A 33 -37.85 -4.69 -8.40
N LEU A 34 -37.81 -3.49 -7.81
CA LEU A 34 -37.36 -3.37 -6.43
C LEU A 34 -38.29 -4.13 -5.49
N ILE A 35 -39.60 -4.02 -5.68
CA ILE A 35 -40.50 -4.81 -4.85
C ILE A 35 -40.40 -6.29 -5.21
N LEU A 36 -40.34 -6.62 -6.50
CA LEU A 36 -40.48 -8.01 -6.91
C LEU A 36 -39.27 -8.86 -6.54
N ASN A 37 -38.09 -8.25 -6.51
CA ASN A 37 -36.87 -9.05 -6.21
C ASN A 37 -37.09 -9.76 -4.86
N ALA A 38 -37.55 -9.03 -3.85
CA ALA A 38 -37.77 -9.62 -2.54
C ALA A 38 -39.11 -10.33 -2.43
N ALA A 39 -40.12 -9.86 -3.18
CA ALA A 39 -41.42 -10.49 -3.11
C ALA A 39 -41.36 -11.93 -3.60
N SER A 40 -40.58 -12.19 -4.66
CA SER A 40 -40.49 -13.55 -5.17
C SER A 40 -39.85 -14.49 -4.16
N ASP A 41 -38.78 -14.04 -3.50
CA ASP A 41 -38.14 -14.90 -2.51
C ASP A 41 -39.05 -15.13 -1.31
N THR A 42 -39.75 -14.08 -0.85
CA THR A 42 -40.66 -14.25 0.26
C THR A 42 -41.79 -15.22 -0.10
N PHE A 43 -42.35 -15.07 -1.30
CA PHE A 43 -43.38 -16.00 -1.75
C PHE A 43 -42.82 -17.41 -1.89
N MET A 44 -41.56 -17.54 -2.31
CA MET A 44 -40.94 -18.85 -2.44
C MET A 44 -40.87 -19.52 -1.07
N LEU A 45 -40.48 -18.76 -0.05
CA LEU A 45 -40.51 -19.30 1.30
C LEU A 45 -41.93 -19.65 1.73
N SER A 46 -42.91 -18.84 1.31
CA SER A 46 -44.29 -19.14 1.66
C SER A 46 -44.75 -20.47 1.06
N LEU A 47 -44.34 -20.76 -0.17
CA LEU A 47 -44.76 -22.02 -0.78
C LEU A 47 -44.19 -23.23 -0.07
N LEU A 48 -43.20 -23.06 0.80
CA LEU A 48 -42.69 -24.20 1.56
C LEU A 48 -43.74 -24.78 2.50
N LYS A 49 -44.67 -23.96 3.00
CA LYS A 49 -45.66 -24.42 3.97
C LYS A 49 -46.53 -25.51 3.34
N PRO A 50 -47.05 -25.31 2.14
CA PRO A 50 -47.71 -26.45 1.45
C PRO A 50 -46.82 -27.66 1.28
N LEU A 51 -45.53 -27.49 1.02
CA LEU A 51 -44.65 -28.64 0.92
C LEU A 51 -44.54 -29.40 2.24
N LEU A 52 -44.71 -28.69 3.36
CA LEU A 52 -44.67 -29.35 4.67
C LEU A 52 -45.92 -30.18 4.89
N ASP A 53 -47.08 -29.51 4.94
CA ASP A 53 -48.33 -30.11 5.39
C ASP A 53 -49.30 -30.38 4.25
N ASP A 54 -49.60 -29.38 3.42
CA ASP A 54 -50.47 -29.60 2.28
C ASP A 54 -49.89 -30.59 1.28
N GLY A 55 -48.57 -30.77 1.29
CA GLY A 55 -47.91 -31.73 0.42
C GLY A 55 -47.55 -33.01 1.14
N PHE A 56 -46.28 -33.12 1.55
CA PHE A 56 -45.77 -34.35 2.13
C PHE A 56 -46.46 -34.72 3.43
N GLY A 57 -46.98 -33.75 4.17
CA GLY A 57 -47.61 -34.05 5.44
C GLY A 57 -48.85 -34.92 5.32
N LYS A 58 -49.51 -34.88 4.17
CA LYS A 58 -50.68 -35.70 3.87
C LYS A 58 -50.42 -36.49 2.60
N THR A 59 -51.32 -37.43 2.30
CA THR A 59 -51.20 -38.20 1.03
C THR A 59 -51.56 -37.29 -0.13
N ASP A 60 -52.13 -36.11 0.19
CA ASP A 60 -52.50 -35.13 -0.87
C ASP A 60 -51.23 -34.66 -1.56
N ARG A 61 -51.24 -34.57 -2.89
CA ARG A 61 -50.07 -34.08 -3.66
C ARG A 61 -50.55 -33.20 -4.81
N SER A 62 -51.79 -32.71 -4.71
CA SER A 62 -52.33 -31.83 -5.75
C SER A 62 -51.48 -30.57 -5.90
N VAL A 63 -51.04 -29.99 -4.79
CA VAL A 63 -50.16 -28.83 -4.87
C VAL A 63 -48.83 -29.22 -5.49
N LEU A 64 -48.30 -30.40 -5.14
CA LEU A 64 -47.00 -30.83 -5.64
C LEU A 64 -46.98 -31.03 -7.15
N VAL A 65 -48.14 -31.11 -7.79
CA VAL A 65 -48.20 -31.29 -9.23
C VAL A 65 -47.48 -30.14 -9.94
N TRP A 66 -47.65 -28.91 -9.43
CA TRP A 66 -47.18 -27.71 -10.12
C TRP A 66 -46.24 -26.82 -9.30
N MET A 67 -46.06 -27.09 -8.00
CA MET A 67 -45.19 -26.22 -7.19
C MET A 67 -43.79 -26.02 -7.75
N PRO A 68 -43.06 -27.06 -8.20
CA PRO A 68 -41.76 -26.78 -8.84
C PRO A 68 -41.89 -25.88 -10.05
N LEU A 69 -42.96 -26.02 -10.83
CA LEU A 69 -43.17 -25.07 -11.91
C LEU A 69 -43.36 -23.66 -11.35
N VAL A 70 -43.99 -23.54 -10.19
CA VAL A 70 -44.15 -22.22 -9.59
C VAL A 70 -42.80 -21.64 -9.16
N VAL A 71 -41.93 -22.47 -8.58
CA VAL A 71 -40.66 -21.90 -8.12
C VAL A 71 -39.81 -21.52 -9.32
N ILE A 72 -39.83 -22.33 -10.38
CA ILE A 72 -39.10 -21.96 -11.60
C ILE A 72 -39.63 -20.64 -12.14
N GLY A 73 -40.96 -20.55 -12.31
CA GLY A 73 -41.54 -19.34 -12.88
C GLY A 73 -41.28 -18.10 -12.05
N LEU A 74 -41.43 -18.23 -10.73
CA LEU A 74 -41.22 -17.06 -9.88
C LEU A 74 -39.77 -16.64 -9.90
N MET A 75 -38.81 -17.57 -10.02
CA MET A 75 -37.46 -17.04 -10.13
C MET A 75 -37.13 -16.56 -11.54
N ILE A 76 -37.88 -16.95 -12.58
CA ILE A 76 -37.69 -16.22 -13.84
C ILE A 76 -38.11 -14.78 -13.64
N LEU A 77 -39.20 -14.58 -12.90
CA LEU A 77 -39.56 -13.22 -12.53
C LEU A 77 -38.43 -12.57 -11.74
N ARG A 78 -37.83 -13.30 -10.80
CA ARG A 78 -36.73 -12.75 -10.02
C ARG A 78 -35.56 -12.35 -10.92
N GLY A 79 -35.19 -13.22 -11.86
CA GLY A 79 -34.06 -12.93 -12.73
C GLY A 79 -34.34 -11.75 -13.64
N ILE A 80 -35.56 -11.68 -14.19
CA ILE A 80 -35.90 -10.56 -15.06
C ILE A 80 -35.89 -9.26 -14.26
N THR A 81 -36.44 -9.28 -13.05
CA THR A 81 -36.39 -8.09 -12.20
C THR A 81 -34.96 -7.72 -11.86
N SER A 82 -34.10 -8.70 -11.56
CA SER A 82 -32.72 -8.38 -11.27
C SER A 82 -32.03 -7.76 -12.47
N TYR A 83 -32.24 -8.34 -13.66
CA TYR A 83 -31.61 -7.84 -14.86
C TYR A 83 -32.08 -6.42 -15.18
N VAL A 84 -33.38 -6.17 -15.13
CA VAL A 84 -33.89 -4.85 -15.46
C VAL A 84 -33.59 -3.83 -14.37
N SER A 85 -33.54 -4.23 -13.10
CA SER A 85 -33.11 -3.32 -12.05
C SER A 85 -31.66 -2.91 -12.25
N SER A 86 -30.81 -3.88 -12.60
CA SER A 86 -29.43 -3.57 -12.92
C SER A 86 -29.34 -2.67 -14.14
N TYR A 87 -30.14 -2.94 -15.16
CA TYR A 87 -30.15 -2.09 -16.34
C TYR A 87 -30.59 -0.67 -16.00
N CYS A 88 -31.54 -0.54 -15.09
CA CYS A 88 -32.03 0.78 -14.71
C CYS A 88 -30.99 1.55 -13.90
N ILE A 89 -30.38 0.91 -12.91
CA ILE A 89 -29.36 1.63 -12.14
C ILE A 89 -28.15 1.89 -13.02
N SER A 90 -27.91 1.04 -14.03
CA SER A 90 -26.87 1.35 -15.02
C SER A 90 -27.23 2.60 -15.81
N TRP A 91 -28.46 2.69 -16.28
CA TRP A 91 -28.89 3.85 -17.05
C TRP A 91 -28.81 5.11 -16.21
N VAL A 92 -29.08 5.00 -14.91
CA VAL A 92 -28.97 6.14 -14.02
C VAL A 92 -27.51 6.49 -13.78
N SER A 93 -26.70 5.49 -13.43
CA SER A 93 -25.33 5.74 -12.99
C SER A 93 -24.46 6.24 -14.14
N GLY A 94 -24.51 5.55 -15.28
CA GLY A 94 -23.71 5.98 -16.41
C GLY A 94 -24.08 7.37 -16.88
N LYS A 95 -25.38 7.67 -16.92
CA LYS A 95 -25.81 8.98 -17.37
C LYS A 95 -25.40 10.06 -16.37
N VAL A 96 -25.56 9.81 -15.06
CA VAL A 96 -25.25 10.86 -14.10
C VAL A 96 -23.75 11.08 -14.02
N VAL A 97 -22.93 10.03 -14.04
CA VAL A 97 -21.49 10.23 -14.07
C VAL A 97 -21.06 10.84 -15.39
N MET A 98 -21.77 10.55 -16.48
CA MET A 98 -21.50 11.22 -17.74
C MET A 98 -21.70 12.72 -17.63
N THR A 99 -22.83 13.14 -17.03
CA THR A 99 -23.08 14.57 -16.85
C THR A 99 -22.08 15.19 -15.88
N MET A 100 -21.74 14.47 -14.80
CA MET A 100 -20.74 14.99 -13.87
C MET A 100 -19.40 15.18 -14.56
N ARG A 101 -19.01 14.21 -15.39
CA ARG A 101 -17.78 14.31 -16.15
C ARG A 101 -17.81 15.50 -17.10
N ARG A 102 -18.95 15.69 -17.79
CA ARG A 102 -19.12 16.86 -18.65
C ARG A 102 -18.89 18.14 -17.87
N ARG A 103 -19.50 18.25 -16.69
CA ARG A 103 -19.35 19.46 -15.90
C ARG A 103 -17.90 19.66 -15.48
N LEU A 104 -17.29 18.63 -14.89
CA LEU A 104 -15.91 18.81 -14.35
C LEU A 104 -14.88 18.98 -15.48
N PHE A 105 -15.12 18.37 -16.65
CA PHE A 105 -14.20 18.58 -17.80
C PHE A 105 -14.23 20.06 -18.19
N GLY A 106 -15.42 20.66 -18.20
CA GLY A 106 -15.53 22.09 -18.51
C GLY A 106 -14.97 22.94 -17.38
N HIS A 107 -14.93 22.38 -16.16
CA HIS A 107 -14.44 23.14 -15.02
C HIS A 107 -12.92 23.19 -14.97
N MET A 108 -12.25 22.05 -15.16
CA MET A 108 -10.79 22.07 -15.14
C MET A 108 -10.21 22.93 -16.25
N MET A 109 -10.78 22.86 -17.46
CA MET A 109 -10.36 23.80 -18.50
C MET A 109 -10.69 25.24 -18.14
N GLY A 110 -11.63 25.46 -17.22
CA GLY A 110 -11.84 26.76 -16.64
C GLY A 110 -11.01 27.05 -15.41
N MET A 111 -10.26 26.07 -14.91
CA MET A 111 -9.53 26.28 -13.62
C MET A 111 -8.21 27.02 -13.85
N PRO A 112 -7.67 27.76 -12.84
CA PRO A 112 -6.41 28.51 -12.96
C PRO A 112 -5.16 27.62 -12.76
N VAL A 113 -3.97 28.23 -12.73
CA VAL A 113 -2.75 27.41 -12.42
C VAL A 113 -2.98 26.78 -11.04
N SER A 114 -3.07 25.45 -10.98
CA SER A 114 -3.41 24.78 -9.73
C SER A 114 -3.10 23.29 -9.90
N PHE A 115 -3.75 22.44 -9.08
CA PHE A 115 -3.47 21.01 -8.94
C PHE A 115 -2.99 20.31 -10.19
N PHE A 116 -3.66 20.54 -11.32
CA PHE A 116 -3.31 19.88 -12.58
C PHE A 116 -2.47 20.74 -13.51
N ASP A 117 -2.14 21.99 -13.14
CA ASP A 117 -1.38 22.87 -14.02
C ASP A 117 0.10 22.90 -13.65
N LYS A 118 0.44 23.34 -12.42
CA LYS A 118 1.82 23.36 -11.97
C LYS A 118 2.00 23.01 -10.49
N GLN A 119 0.93 22.67 -9.77
CA GLN A 119 1.06 22.51 -8.32
C GLN A 119 1.65 21.16 -7.95
N SER A 120 1.00 20.08 -8.35
CA SER A 120 1.45 18.74 -7.98
C SER A 120 1.07 17.78 -9.12
N THR A 121 1.20 16.48 -8.86
CA THR A 121 1.08 15.47 -9.89
C THR A 121 -0.30 15.47 -10.52
N GLY A 122 -0.39 14.83 -11.68
CA GLY A 122 -1.64 14.73 -12.40
C GLY A 122 -2.44 13.49 -12.03
N THR A 123 -2.59 13.25 -10.73
CA THR A 123 -3.41 12.16 -10.23
C THR A 123 -4.90 12.50 -10.23
N LEU A 124 -5.29 13.66 -10.78
CA LEU A 124 -6.69 14.00 -10.84
C LEU A 124 -7.47 13.01 -11.68
N LEU A 125 -6.90 12.57 -12.81
CA LEU A 125 -7.58 11.56 -13.61
C LEU A 125 -7.77 10.29 -12.82
N SER A 126 -6.84 9.95 -11.93
CA SER A 126 -7.05 8.80 -11.07
C SER A 126 -8.30 8.99 -10.22
N ARG A 127 -8.48 10.21 -9.69
CA ARG A 127 -9.67 10.50 -8.91
C ARG A 127 -10.93 10.34 -9.75
N ILE A 128 -10.93 10.91 -10.96
CA ILE A 128 -12.12 10.86 -11.79
C ILE A 128 -12.41 9.42 -12.23
N THR A 129 -11.38 8.66 -12.57
CA THR A 129 -11.56 7.32 -13.11
C THR A 129 -11.92 6.30 -12.04
N TYR A 130 -11.45 6.50 -10.81
CA TYR A 130 -11.74 5.57 -9.72
C TYR A 130 -12.93 6.02 -8.88
N ASP A 131 -12.82 7.20 -8.26
CA ASP A 131 -13.77 7.57 -7.21
C ASP A 131 -15.12 7.98 -7.77
N SER A 132 -15.18 8.44 -9.03
CA SER A 132 -16.48 8.77 -9.61
C SER A 132 -17.33 7.52 -9.79
N GLU A 133 -16.76 6.50 -10.43
CA GLU A 133 -17.45 5.22 -10.51
C GLU A 133 -17.62 4.58 -9.15
N GLN A 134 -16.72 4.88 -8.21
CA GLN A 134 -16.94 4.40 -6.84
C GLN A 134 -18.18 5.03 -6.24
N VAL A 135 -18.39 6.33 -6.48
CA VAL A 135 -19.59 7.01 -6.02
C VAL A 135 -20.81 6.40 -6.67
N ALA A 136 -20.73 6.15 -7.97
CA ALA A 136 -21.85 5.56 -8.70
C ALA A 136 -22.22 4.19 -8.13
N SER A 137 -21.21 3.32 -8.01
CA SER A 137 -21.45 2.00 -7.45
C SER A 137 -21.94 2.07 -6.01
N SER A 138 -21.44 3.04 -5.24
CA SER A 138 -21.90 3.21 -3.88
C SER A 138 -23.37 3.58 -3.82
N SER A 139 -23.77 4.55 -4.62
CA SER A 139 -25.18 4.94 -4.65
C SER A 139 -26.06 3.79 -5.11
N SER A 140 -25.63 3.07 -6.16
CA SER A 140 -26.41 1.95 -6.65
C SER A 140 -26.52 0.85 -5.61
N GLY A 141 -25.40 0.49 -4.98
CA GLY A 141 -25.44 -0.52 -3.94
C GLY A 141 -26.33 -0.12 -2.79
N ALA A 142 -26.23 1.15 -2.37
CA ALA A 142 -27.06 1.64 -1.28
C ALA A 142 -28.54 1.54 -1.64
N LEU A 143 -28.89 1.96 -2.86
CA LEU A 143 -30.30 1.97 -3.24
C LEU A 143 -30.85 0.56 -3.33
N ILE A 144 -30.16 -0.32 -4.04
CA ILE A 144 -30.64 -1.69 -4.18
C ILE A 144 -30.66 -2.37 -2.81
N THR A 145 -29.66 -2.13 -1.98
CA THR A 145 -29.62 -2.78 -0.67
C THR A 145 -30.78 -2.31 0.21
N VAL A 146 -30.96 -1.00 0.34
CA VAL A 146 -32.01 -0.50 1.23
C VAL A 146 -33.38 -0.94 0.73
N VAL A 147 -33.63 -0.83 -0.58
CA VAL A 147 -34.97 -1.18 -1.05
C VAL A 147 -35.21 -2.68 -0.97
N ARG A 148 -34.25 -3.51 -1.39
CA ARG A 148 -34.45 -4.95 -1.38
C ARG A 148 -34.60 -5.47 0.04
N GLU A 149 -33.77 -4.98 0.96
CA GLU A 149 -33.84 -5.48 2.32
C GLU A 149 -35.07 -4.95 3.05
N GLY A 150 -35.47 -3.70 2.79
CA GLY A 150 -36.73 -3.23 3.35
C GLY A 150 -37.90 -4.06 2.87
N ALA A 151 -37.94 -4.38 1.58
CA ALA A 151 -38.97 -5.26 1.06
C ALA A 151 -38.90 -6.64 1.70
N SER A 152 -37.69 -7.18 1.89
CA SER A 152 -37.55 -8.48 2.50
C SER A 152 -38.07 -8.49 3.92
N ILE A 153 -37.70 -7.48 4.72
CA ILE A 153 -38.18 -7.41 6.09
C ILE A 153 -39.69 -7.28 6.11
N ILE A 154 -40.26 -6.42 5.27
CA ILE A 154 -41.70 -6.22 5.32
C ILE A 154 -42.43 -7.48 4.88
N GLY A 155 -41.93 -8.17 3.85
CA GLY A 155 -42.57 -9.40 3.42
C GLY A 155 -42.47 -10.51 4.46
N LEU A 156 -41.30 -10.66 5.07
CA LEU A 156 -41.15 -11.73 6.05
C LEU A 156 -41.96 -11.44 7.30
N PHE A 157 -42.03 -10.18 7.73
CA PHE A 157 -42.92 -9.82 8.82
C PHE A 157 -44.37 -10.09 8.46
N ILE A 158 -44.73 -9.82 7.20
CA ILE A 158 -46.09 -10.11 6.74
C ILE A 158 -46.38 -11.60 6.87
N MET A 159 -45.45 -12.44 6.42
CA MET A 159 -45.64 -13.88 6.50
C MET A 159 -45.75 -14.33 7.95
N MET A 160 -44.89 -13.79 8.81
CA MET A 160 -44.88 -14.22 10.20
C MET A 160 -46.16 -13.82 10.91
N PHE A 161 -46.65 -12.59 10.68
CA PHE A 161 -47.93 -12.20 11.24
C PHE A 161 -49.07 -13.04 10.68
N TYR A 162 -49.02 -13.33 9.38
CA TYR A 162 -50.09 -14.07 8.73
C TYR A 162 -50.14 -15.52 9.19
N TYR A 163 -49.03 -16.07 9.69
CA TYR A 163 -48.99 -17.47 10.11
C TYR A 163 -49.32 -17.63 11.59
N SER A 164 -48.57 -16.97 12.48
CA SER A 164 -48.83 -17.10 13.91
C SER A 164 -48.39 -15.81 14.60
N TRP A 165 -49.37 -14.98 14.99
CA TRP A 165 -49.06 -13.69 15.58
C TRP A 165 -48.44 -13.83 16.96
N GLN A 166 -48.85 -14.84 17.74
CA GLN A 166 -48.23 -15.05 19.04
C GLN A 166 -46.77 -15.47 18.89
N LEU A 167 -46.53 -16.48 18.05
CA LEU A 167 -45.15 -16.88 17.77
C LEU A 167 -44.38 -15.73 17.15
N SER A 168 -45.06 -14.95 16.31
CA SER A 168 -44.45 -13.75 15.76
C SER A 168 -43.91 -12.86 16.87
N ILE A 169 -44.80 -12.32 17.71
CA ILE A 169 -44.40 -11.34 18.70
C ILE A 169 -43.39 -11.91 19.68
N ILE A 170 -43.53 -13.19 20.06
CA ILE A 170 -42.56 -13.73 21.00
C ILE A 170 -41.18 -13.84 20.35
N LEU A 171 -41.13 -14.19 19.07
CA LEU A 171 -39.82 -14.23 18.42
C LEU A 171 -39.23 -12.83 18.27
N ILE A 172 -40.06 -11.85 17.88
CA ILE A 172 -39.52 -10.51 17.70
C ILE A 172 -39.06 -9.91 19.02
N VAL A 173 -39.74 -10.19 20.13
CA VAL A 173 -39.29 -9.68 21.42
C VAL A 173 -38.11 -10.49 21.95
N LEU A 174 -37.92 -11.73 21.47
CA LEU A 174 -36.69 -12.45 21.78
C LEU A 174 -35.49 -11.84 21.06
N ALA A 175 -35.70 -11.33 19.85
CA ALA A 175 -34.58 -10.87 19.02
C ALA A 175 -33.70 -9.79 19.66
N PRO A 176 -34.24 -8.67 20.17
CA PRO A 176 -33.33 -7.61 20.64
C PRO A 176 -32.45 -8.01 21.80
N ILE A 177 -32.89 -8.94 22.66
CA ILE A 177 -32.06 -9.36 23.78
C ILE A 177 -30.79 -10.02 23.27
N VAL A 178 -30.92 -10.98 22.35
CA VAL A 178 -29.73 -11.61 21.80
C VAL A 178 -28.91 -10.60 21.01
N SER A 179 -29.57 -9.66 20.33
CA SER A 179 -28.82 -8.66 19.56
C SER A 179 -27.93 -7.81 20.46
N ILE A 180 -28.50 -7.28 21.55
CA ILE A 180 -27.68 -6.46 22.44
C ILE A 180 -26.64 -7.32 23.14
N ALA A 181 -26.98 -8.55 23.51
CA ALA A 181 -26.01 -9.41 24.19
C ALA A 181 -24.80 -9.66 23.32
N ILE A 182 -25.02 -10.08 22.06
CA ILE A 182 -23.90 -10.37 21.17
C ILE A 182 -23.12 -9.08 20.89
N ARG A 183 -23.81 -7.95 20.72
CA ARG A 183 -23.10 -6.71 20.41
C ARG A 183 -22.16 -6.31 21.54
N VAL A 184 -22.68 -6.22 22.77
CA VAL A 184 -21.82 -5.76 23.87
C VAL A 184 -20.75 -6.79 24.22
N VAL A 185 -21.06 -8.09 24.18
CA VAL A 185 -20.01 -9.05 24.53
C VAL A 185 -18.91 -9.02 23.48
N SER A 186 -19.26 -8.90 22.19
CA SER A 186 -18.24 -8.79 21.15
C SER A 186 -17.39 -7.54 21.35
N LYS A 187 -18.03 -6.40 21.64
CA LYS A 187 -17.28 -5.16 21.81
C LYS A 187 -16.33 -5.26 23.01
N ARG A 188 -16.83 -5.74 24.14
CA ARG A 188 -16.01 -5.78 25.35
C ARG A 188 -14.86 -6.77 25.22
N PHE A 189 -15.11 -7.94 24.61
CA PHE A 189 -14.03 -8.90 24.44
C PHE A 189 -13.03 -8.44 23.39
N ARG A 190 -13.48 -7.69 22.38
CA ARG A 190 -12.54 -7.06 21.46
C ARG A 190 -11.63 -6.08 22.20
N ASN A 191 -12.22 -5.27 23.08
CA ASN A 191 -11.41 -4.36 23.89
C ASN A 191 -10.42 -5.12 24.76
N ILE A 192 -10.87 -6.22 25.36
CA ILE A 192 -9.99 -7.05 26.19
C ILE A 192 -8.83 -7.57 25.35
N SER A 193 -9.12 -7.93 24.09
CA SER A 193 -8.06 -8.39 23.20
C SER A 193 -7.05 -7.27 22.92
N LYS A 194 -7.54 -6.09 22.53
CA LYS A 194 -6.64 -5.04 22.06
C LYS A 194 -5.78 -4.46 23.18
N ASN A 195 -6.37 -4.25 24.37
CA ASN A 195 -5.63 -3.55 25.43
C ASN A 195 -4.40 -4.31 25.91
N MET A 196 -4.28 -5.59 25.56
CA MET A 196 -3.13 -6.43 25.86
C MET A 196 -2.42 -6.92 24.61
N GLN A 197 -3.07 -6.86 23.45
CA GLN A 197 -2.33 -6.96 22.19
C GLN A 197 -1.31 -5.84 22.07
N ASN A 198 -1.63 -4.67 22.64
CA ASN A 198 -0.61 -3.61 22.65
C ASN A 198 0.61 -4.04 23.47
N THR A 199 0.40 -4.71 24.60
CA THR A 199 1.53 -5.21 25.39
C THR A 199 2.30 -6.27 24.61
N MET A 200 1.60 -7.11 23.85
CA MET A 200 2.29 -8.08 22.99
C MET A 200 3.18 -7.36 21.98
N GLY A 201 2.65 -6.31 21.35
CA GLY A 201 3.45 -5.53 20.43
C GLY A 201 4.64 -4.88 21.11
N GLN A 202 4.44 -4.43 22.35
CA GLN A 202 5.54 -3.85 23.12
C GLN A 202 6.64 -4.89 23.35
N VAL A 203 6.27 -6.11 23.68
CA VAL A 203 7.25 -7.16 23.91
C VAL A 203 8.01 -7.45 22.61
N THR A 204 7.29 -7.53 21.49
CA THR A 204 7.96 -7.78 20.21
C THR A 204 8.92 -6.65 19.85
N THR A 205 8.52 -5.41 20.05
CA THR A 205 9.41 -4.29 19.78
C THR A 205 10.58 -4.23 20.75
N SER A 206 10.41 -4.78 21.96
CA SER A 206 11.56 -4.93 22.84
C SER A 206 12.53 -5.98 22.31
N ALA A 207 12.00 -7.09 21.79
CA ALA A 207 12.84 -8.08 21.15
C ALA A 207 13.56 -7.53 19.92
N GLU A 208 12.94 -6.56 19.25
CA GLU A 208 13.58 -5.94 18.09
C GLU A 208 14.91 -5.30 18.48
N GLN A 209 14.92 -4.56 19.59
CA GLN A 209 16.15 -3.93 20.04
C GLN A 209 17.22 -4.97 20.37
N MET A 210 16.82 -6.09 20.97
CA MET A 210 17.77 -7.18 21.19
C MET A 210 18.33 -7.67 19.87
N LEU A 211 17.48 -7.82 18.86
CA LEU A 211 17.98 -8.20 17.55
C LEU A 211 18.87 -7.13 16.96
N LYS A 212 18.43 -5.87 17.03
CA LYS A 212 19.19 -4.79 16.39
C LYS A 212 20.49 -4.47 17.11
N GLY A 213 20.70 -5.02 18.31
CA GLY A 213 21.97 -4.85 19.01
C GLY A 213 22.93 -5.98 18.71
N HIS A 214 22.86 -6.54 17.50
CA HIS A 214 23.72 -7.65 17.14
C HIS A 214 25.19 -7.27 17.15
N LYS A 215 25.52 -5.99 16.95
CA LYS A 215 26.92 -5.56 16.91
C LYS A 215 27.63 -5.88 18.21
N GLU A 216 27.16 -5.31 19.31
CA GLU A 216 27.86 -5.40 20.58
C GLU A 216 27.98 -6.84 21.05
N VAL A 217 26.92 -7.62 20.91
CA VAL A 217 27.01 -9.03 21.25
C VAL A 217 28.03 -9.72 20.34
N LEU A 218 28.08 -9.34 19.06
CA LEU A 218 29.00 -10.00 18.15
C LEU A 218 30.46 -9.66 18.43
N ILE A 219 30.74 -8.52 19.08
CA ILE A 219 32.10 -8.15 19.44
C ILE A 219 32.39 -8.48 20.91
N PHE A 220 31.51 -8.08 21.81
CA PHE A 220 31.78 -8.32 23.23
C PHE A 220 31.58 -9.79 23.59
N GLY A 221 30.59 -10.44 22.99
CA GLY A 221 30.39 -11.87 23.13
C GLY A 221 29.31 -12.22 24.14
N GLY A 222 28.11 -12.50 23.65
CA GLY A 222 26.99 -12.82 24.51
C GLY A 222 26.04 -13.85 23.95
N GLN A 223 26.56 -14.81 23.17
CA GLN A 223 25.70 -15.77 22.48
C GLN A 223 24.80 -16.50 23.47
N GLU A 224 25.39 -17.07 24.52
CA GLU A 224 24.59 -17.83 25.47
C GLU A 224 23.65 -16.93 26.24
N VAL A 225 24.15 -15.80 26.76
CA VAL A 225 23.31 -14.94 27.58
C VAL A 225 22.25 -14.26 26.73
N GLU A 226 22.58 -13.85 25.52
CA GLU A 226 21.58 -13.23 24.66
C GLU A 226 20.52 -14.24 24.23
N THR A 227 20.93 -15.47 23.92
CA THR A 227 19.95 -16.50 23.63
C THR A 227 19.05 -16.77 24.81
N LYS A 228 19.60 -16.77 26.03
CA LYS A 228 18.79 -16.93 27.23
C LYS A 228 17.78 -15.78 27.37
N ARG A 229 18.23 -14.56 27.11
CA ARG A 229 17.34 -13.40 27.17
C ARG A 229 16.19 -13.56 26.19
N PHE A 230 16.50 -13.96 24.95
CA PHE A 230 15.46 -14.14 23.97
C PHE A 230 14.53 -15.27 24.34
N ASP A 231 15.08 -16.34 24.94
CA ASP A 231 14.23 -17.44 25.38
C ASP A 231 13.23 -16.96 26.42
N LYS A 232 13.70 -16.16 27.38
CA LYS A 232 12.80 -15.62 28.39
C LYS A 232 11.71 -14.76 27.76
N VAL A 233 12.12 -13.80 26.92
CA VAL A 233 11.14 -12.89 26.32
C VAL A 233 10.18 -13.65 25.42
N SER A 234 10.68 -14.68 24.72
CA SER A 234 9.81 -15.50 23.90
C SER A 234 8.85 -16.31 24.74
N ASN A 235 9.23 -16.67 25.97
CA ASN A 235 8.28 -17.34 26.85
C ASN A 235 7.19 -16.38 27.31
N ARG A 236 7.55 -15.13 27.59
CA ARG A 236 6.52 -14.13 27.86
C ARG A 236 5.60 -13.99 26.66
N MET A 237 6.17 -14.00 25.44
CA MET A 237 5.35 -13.97 24.24
C MET A 237 4.47 -15.21 24.14
N ARG A 238 4.97 -16.36 24.57
CA ARG A 238 4.19 -17.59 24.48
C ARG A 238 2.97 -17.50 25.40
N LEU A 239 3.16 -16.98 26.61
CA LEU A 239 2.01 -16.76 27.47
C LEU A 239 1.08 -15.71 26.89
N GLN A 240 1.63 -14.69 26.23
CA GLN A 240 0.79 -13.69 25.58
C GLN A 240 -0.04 -14.32 24.48
N GLY A 241 0.55 -15.22 23.69
CA GLY A 241 -0.21 -15.92 22.68
C GLY A 241 -1.26 -16.85 23.26
N MET A 242 -0.92 -17.52 24.36
CA MET A 242 -1.92 -18.31 25.09
C MET A 242 -3.14 -17.46 25.42
N LYS A 243 -2.89 -16.29 26.02
CA LYS A 243 -4.02 -15.45 26.43
C LYS A 243 -4.71 -14.81 25.24
N MET A 244 -3.97 -14.55 24.16
CA MET A 244 -4.58 -14.08 22.91
C MET A 244 -5.62 -15.07 22.41
N VAL A 245 -5.22 -16.33 22.26
CA VAL A 245 -6.17 -17.34 21.78
C VAL A 245 -7.28 -17.57 22.79
N SER A 246 -6.98 -17.53 24.09
CA SER A 246 -8.04 -17.73 25.09
C SER A 246 -9.09 -16.63 24.99
N ALA A 247 -8.67 -15.38 24.88
CA ALA A 247 -9.62 -14.27 24.75
C ALA A 247 -10.37 -14.32 23.43
N SER A 248 -9.68 -14.64 22.34
CA SER A 248 -10.34 -14.70 21.05
C SER A 248 -11.29 -15.89 20.96
N SER A 249 -10.96 -17.00 21.61
CA SER A 249 -11.73 -18.24 21.51
C SER A 249 -12.76 -18.40 22.62
N ILE A 250 -12.89 -17.41 23.50
CA ILE A 250 -13.96 -17.40 24.51
C ILE A 250 -15.12 -16.50 24.13
N SER A 251 -14.96 -15.60 23.16
CA SER A 251 -16.09 -14.83 22.66
C SER A 251 -17.03 -15.71 21.85
N ASP A 252 -16.48 -16.52 20.95
CA ASP A 252 -17.30 -17.38 20.11
C ASP A 252 -18.19 -18.34 20.90
N PRO A 253 -17.70 -19.06 21.91
CA PRO A 253 -18.63 -19.95 22.66
C PRO A 253 -19.77 -19.19 23.32
N ILE A 254 -19.53 -18.00 23.87
CA ILE A 254 -20.61 -17.25 24.49
C ILE A 254 -21.60 -16.77 23.42
N ILE A 255 -21.08 -16.30 22.28
CA ILE A 255 -21.94 -15.85 21.20
C ILE A 255 -22.83 -16.97 20.73
N GLN A 256 -22.23 -18.13 20.45
CA GLN A 256 -23.01 -19.28 20.01
C GLN A 256 -23.95 -19.77 21.10
N LEU A 257 -23.54 -19.66 22.37
CA LEU A 257 -24.42 -20.05 23.46
C LEU A 257 -25.69 -19.22 23.48
N ILE A 258 -25.56 -17.91 23.31
CA ILE A 258 -26.75 -17.07 23.28
C ILE A 258 -27.57 -17.37 22.04
N ALA A 259 -26.91 -17.65 20.91
CA ALA A 259 -27.63 -18.00 19.69
C ALA A 259 -28.46 -19.26 19.87
N SER A 260 -27.87 -20.27 20.50
CA SER A 260 -28.58 -21.51 20.78
C SER A 260 -29.68 -21.31 21.81
N LEU A 261 -29.42 -20.46 22.81
CA LEU A 261 -30.42 -20.19 23.83
C LEU A 261 -31.62 -19.47 23.25
N ALA A 262 -31.45 -18.73 22.16
CA ALA A 262 -32.61 -18.17 21.47
C ALA A 262 -33.52 -19.29 20.96
N LEU A 263 -32.93 -20.29 20.31
CA LEU A 263 -33.71 -21.44 19.85
C LEU A 263 -34.36 -22.15 21.02
N ALA A 264 -33.61 -22.32 22.10
CA ALA A 264 -34.14 -22.98 23.30
C ALA A 264 -35.32 -22.20 23.87
N PHE A 265 -35.20 -20.88 23.94
CA PHE A 265 -36.27 -20.05 24.47
C PHE A 265 -37.53 -20.16 23.62
N VAL A 266 -37.39 -20.01 22.30
CA VAL A 266 -38.58 -20.04 21.46
C VAL A 266 -39.23 -21.42 21.48
N LEU A 267 -38.44 -22.49 21.49
CA LEU A 267 -39.04 -23.82 21.56
C LEU A 267 -39.66 -24.10 22.92
N TYR A 268 -39.04 -23.60 24.00
CA TYR A 268 -39.62 -23.76 25.33
C TYR A 268 -40.96 -23.03 25.41
N ALA A 269 -41.04 -21.82 24.87
CA ALA A 269 -42.32 -21.14 24.77
C ALA A 269 -43.27 -21.90 23.83
N ALA A 270 -42.73 -22.58 22.83
CA ALA A 270 -43.56 -23.30 21.87
C ALA A 270 -44.18 -24.52 22.53
N SER A 271 -45.51 -24.59 22.50
CA SER A 271 -46.28 -25.76 22.93
C SER A 271 -46.27 -25.95 24.43
N PHE A 272 -45.71 -25.03 25.21
CA PHE A 272 -45.76 -25.15 26.66
C PHE A 272 -47.17 -24.85 27.16
N PRO A 273 -47.91 -23.89 26.59
CA PRO A 273 -49.36 -23.85 26.80
C PRO A 273 -50.08 -24.73 25.78
N SER A 274 -51.18 -25.33 26.25
CA SER A 274 -51.97 -26.20 25.40
C SER A 274 -52.60 -25.45 24.24
N VAL A 275 -52.94 -24.17 24.42
CA VAL A 275 -53.48 -23.38 23.33
C VAL A 275 -52.44 -23.24 22.22
N MET A 276 -51.18 -23.05 22.59
CA MET A 276 -50.12 -22.97 21.61
C MET A 276 -49.90 -24.34 20.99
N ASP A 277 -49.29 -24.34 19.80
CA ASP A 277 -49.14 -25.53 18.97
C ASP A 277 -50.49 -26.03 18.48
N SER A 278 -51.45 -25.10 18.35
CA SER A 278 -52.69 -25.33 17.63
C SER A 278 -52.55 -24.99 16.15
N LEU A 279 -51.33 -24.80 15.66
CA LEU A 279 -51.09 -24.36 14.30
C LEU A 279 -51.05 -25.57 13.37
N THR A 280 -50.60 -25.35 12.13
CA THR A 280 -50.45 -26.45 11.20
C THR A 280 -49.35 -27.43 11.62
N ALA A 281 -48.43 -26.99 12.47
CA ALA A 281 -47.30 -27.77 12.99
C ALA A 281 -46.19 -27.94 11.94
N GLY A 282 -46.34 -27.43 10.73
CA GLY A 282 -45.28 -27.37 9.75
C GLY A 282 -44.74 -25.97 9.58
N THR A 283 -45.57 -24.98 9.91
CA THR A 283 -45.17 -23.58 9.81
C THR A 283 -44.00 -23.23 10.72
N ILE A 284 -43.79 -24.00 11.79
CA ILE A 284 -42.61 -23.79 12.62
C ILE A 284 -41.35 -23.94 11.77
N THR A 285 -41.35 -24.93 10.87
CA THR A 285 -40.18 -25.15 10.03
C THR A 285 -39.93 -23.97 9.11
N VAL A 286 -41.00 -23.44 8.50
CA VAL A 286 -40.78 -22.39 7.51
C VAL A 286 -40.41 -21.08 8.20
N VAL A 287 -40.98 -20.78 9.37
CA VAL A 287 -40.55 -19.57 10.05
C VAL A 287 -39.11 -19.68 10.54
N PHE A 288 -38.70 -20.86 11.04
CA PHE A 288 -37.30 -21.05 11.39
C PHE A 288 -36.39 -20.91 10.17
N SER A 289 -36.81 -21.43 9.01
CA SER A 289 -36.02 -21.25 7.80
C SER A 289 -35.94 -19.78 7.42
N SER A 290 -37.01 -19.02 7.63
CA SER A 290 -36.96 -17.59 7.36
C SER A 290 -35.96 -16.88 8.27
N MET A 291 -35.95 -17.25 9.56
CA MET A 291 -34.89 -16.75 10.44
C MET A 291 -33.50 -17.10 9.95
N ILE A 292 -33.31 -18.34 9.48
CA ILE A 292 -32.01 -18.73 8.97
C ILE A 292 -31.65 -17.89 7.74
N ALA A 293 -32.65 -17.57 6.91
CA ALA A 293 -32.38 -16.87 5.67
C ALA A 293 -32.07 -15.39 5.90
N LEU A 294 -32.76 -14.74 6.82
CA LEU A 294 -32.67 -13.29 6.91
C LEU A 294 -31.37 -12.79 7.51
N MET A 295 -30.51 -13.67 8.05
CA MET A 295 -29.32 -13.19 8.74
C MET A 295 -28.38 -12.46 7.78
N ARG A 296 -28.22 -12.97 6.57
CA ARG A 296 -27.36 -12.33 5.58
C ARG A 296 -27.86 -10.93 5.25
N PRO A 297 -29.12 -10.75 4.86
CA PRO A 297 -29.61 -9.38 4.61
C PRO A 297 -29.57 -8.49 5.84
N LEU A 298 -29.79 -9.04 7.03
CA LEU A 298 -29.65 -8.21 8.23
C LEU A 298 -28.22 -7.71 8.39
N LYS A 299 -27.24 -8.60 8.21
CA LYS A 299 -25.84 -8.19 8.33
C LYS A 299 -25.48 -7.20 7.24
N SER A 300 -26.10 -7.31 6.06
CA SER A 300 -25.90 -6.30 5.02
C SER A 300 -26.61 -5.00 5.33
N LEU A 301 -27.64 -5.02 6.17
CA LEU A 301 -28.43 -3.83 6.45
C LEU A 301 -27.80 -2.95 7.51
N THR A 302 -26.71 -3.39 8.15
CA THR A 302 -26.13 -2.61 9.23
C THR A 302 -25.29 -1.45 8.70
N ASN A 303 -24.56 -1.67 7.61
CA ASN A 303 -23.58 -0.72 7.11
C ASN A 303 -24.10 0.12 5.95
N VAL A 304 -25.43 0.19 5.78
CA VAL A 304 -25.95 0.95 4.64
C VAL A 304 -25.75 2.45 4.85
N ASN A 305 -25.95 2.96 6.06
CA ASN A 305 -25.80 4.39 6.28
C ASN A 305 -24.34 4.80 6.20
N ALA A 306 -23.45 3.99 6.77
CA ALA A 306 -22.02 4.29 6.68
C ALA A 306 -21.54 4.26 5.25
N GLN A 307 -21.97 3.26 4.47
CA GLN A 307 -21.59 3.21 3.06
C GLN A 307 -22.16 4.40 2.29
N PHE A 308 -23.40 4.77 2.57
CA PHE A 308 -24.02 5.92 1.93
C PHE A 308 -23.21 7.19 2.20
N GLN A 309 -22.84 7.41 3.46
CA GLN A 309 -22.12 8.63 3.79
C GLN A 309 -20.68 8.60 3.32
N ARG A 310 -20.05 7.42 3.23
CA ARG A 310 -18.71 7.34 2.66
C ARG A 310 -18.74 7.68 1.17
N GLY A 311 -19.70 7.10 0.44
CA GLY A 311 -19.87 7.49 -0.95
C GLY A 311 -20.18 8.96 -1.10
N MET A 312 -21.01 9.51 -0.21
CA MET A 312 -21.34 10.92 -0.31
C MET A 312 -20.14 11.78 0.02
N ALA A 313 -19.24 11.31 0.87
CA ALA A 313 -17.98 12.01 1.12
C ALA A 313 -17.11 12.02 -0.12
N ALA A 314 -17.04 10.89 -0.82
CA ALA A 314 -16.31 10.87 -2.09
C ALA A 314 -16.94 11.85 -3.08
N CYS A 315 -18.26 11.88 -3.12
CA CYS A 315 -18.96 12.83 -3.99
C CYS A 315 -18.67 14.27 -3.58
N GLN A 316 -18.53 14.51 -2.28
CA GLN A 316 -18.18 15.84 -1.80
C GLN A 316 -16.76 16.19 -2.20
N THR A 317 -15.87 15.20 -2.26
CA THR A 317 -14.54 15.44 -2.80
C THR A 317 -14.63 15.88 -4.26
N LEU A 318 -15.42 15.16 -5.05
CA LEU A 318 -15.60 15.54 -6.45
C LEU A 318 -16.29 16.88 -6.59
N PHE A 319 -17.08 17.28 -5.59
CA PHE A 319 -17.82 18.53 -5.66
C PHE A 319 -17.00 19.72 -5.20
N THR A 320 -16.07 19.53 -4.26
CA THR A 320 -15.12 20.59 -3.94
C THR A 320 -14.05 20.71 -5.01
N ILE A 321 -13.80 19.65 -5.78
CA ILE A 321 -13.15 19.84 -7.07
C ILE A 321 -14.04 20.73 -7.94
N LEU A 322 -15.33 20.45 -7.95
CA LEU A 322 -16.29 21.29 -8.64
C LEU A 322 -16.44 22.62 -7.89
N ASP A 323 -17.16 23.55 -8.51
CA ASP A 323 -17.52 24.87 -7.94
C ASP A 323 -16.32 25.60 -7.32
N SER A 324 -15.12 25.36 -7.85
CA SER A 324 -13.96 26.18 -7.53
C SER A 324 -13.91 27.37 -8.48
N GLU A 325 -13.15 28.39 -8.08
CA GLU A 325 -13.06 29.59 -8.89
C GLU A 325 -12.37 29.30 -10.21
N GLN A 326 -12.97 29.79 -11.30
CA GLN A 326 -12.42 29.58 -12.63
C GLN A 326 -11.49 30.74 -12.97
N GLU A 327 -11.00 30.78 -14.21
CA GLU A 327 -10.12 31.87 -14.65
C GLU A 327 -10.95 33.15 -14.73
N LYS A 328 -10.86 33.96 -13.70
CA LYS A 328 -11.55 35.24 -13.70
C LYS A 328 -10.79 36.23 -14.57
N ASP A 329 -11.51 36.86 -15.50
CA ASP A 329 -10.92 37.83 -16.42
C ASP A 329 -11.99 38.89 -16.71
N GLU A 330 -11.96 39.96 -15.93
CA GLU A 330 -12.93 41.03 -16.05
C GLU A 330 -12.54 42.08 -17.09
N GLY A 331 -11.36 41.96 -17.70
CA GLY A 331 -10.99 42.87 -18.77
C GLY A 331 -11.91 42.71 -19.97
N LYS A 332 -12.21 43.82 -20.62
CA LYS A 332 -13.16 43.88 -21.74
C LYS A 332 -12.58 44.68 -22.89
N ARG A 333 -11.31 44.42 -23.22
CA ARG A 333 -10.65 45.01 -24.39
C ARG A 333 -10.54 43.92 -25.44
N VAL A 334 -11.51 43.91 -26.36
CA VAL A 334 -11.48 42.96 -27.47
C VAL A 334 -10.25 43.24 -28.33
N ILE A 335 -9.60 42.19 -28.79
CA ILE A 335 -8.30 42.28 -29.45
C ILE A 335 -8.46 41.83 -30.90
N GLU A 336 -8.01 42.68 -31.82
CA GLU A 336 -7.84 42.30 -33.22
C GLU A 336 -6.41 41.87 -33.50
N ARG A 337 -5.46 42.78 -33.30
CA ARG A 337 -4.04 42.51 -33.52
C ARG A 337 -3.24 43.53 -32.74
N ALA A 338 -2.39 43.07 -31.83
CA ALA A 338 -1.61 43.93 -30.95
C ALA A 338 -0.19 44.05 -31.50
N THR A 339 0.09 45.19 -32.11
CA THR A 339 1.45 45.51 -32.55
C THR A 339 2.25 46.27 -31.50
N GLY A 340 1.65 46.56 -30.34
CA GLY A 340 2.36 47.29 -29.31
C GLY A 340 3.41 46.43 -28.62
N ASP A 341 4.37 47.10 -28.00
CA ASP A 341 5.47 46.41 -27.35
C ASP A 341 4.99 45.68 -26.10
N VAL A 342 5.78 44.71 -25.68
CA VAL A 342 5.58 43.95 -24.45
C VAL A 342 6.60 44.47 -23.45
N GLU A 343 6.13 45.04 -22.34
CA GLU A 343 6.97 45.66 -21.34
C GLU A 343 7.04 44.77 -20.12
N PHE A 344 8.26 44.49 -19.64
CA PHE A 344 8.51 43.76 -18.42
C PHE A 344 9.36 44.67 -17.53
N ARG A 345 8.68 45.51 -16.74
CA ARG A 345 9.31 46.55 -15.94
C ARG A 345 9.00 46.29 -14.47
N ASN A 346 10.04 45.89 -13.73
CA ASN A 346 9.99 45.60 -12.28
C ASN A 346 8.72 44.84 -11.89
N VAL A 347 8.56 43.66 -12.51
CA VAL A 347 7.37 42.85 -12.35
C VAL A 347 7.70 41.66 -11.47
N THR A 348 6.68 41.12 -10.81
CA THR A 348 6.85 39.96 -9.94
C THR A 348 5.51 39.27 -9.77
N PHE A 349 5.43 38.01 -10.22
CA PHE A 349 4.27 37.17 -10.03
C PHE A 349 4.50 36.26 -8.84
N THR A 350 3.52 35.39 -8.57
CA THR A 350 3.54 34.49 -7.42
C THR A 350 3.62 33.04 -7.88
N TYR A 351 4.41 32.26 -7.15
CA TYR A 351 4.58 30.84 -7.40
C TYR A 351 4.15 30.07 -6.16
N PRO A 352 3.12 29.21 -6.20
CA PRO A 352 2.77 28.43 -5.01
C PRO A 352 3.92 27.56 -4.53
N GLY A 353 4.05 27.43 -3.21
CA GLY A 353 5.07 26.59 -2.61
C GLY A 353 6.47 27.15 -2.64
N ARG A 354 6.64 28.42 -3.00
CA ARG A 354 7.95 29.05 -3.10
C ARG A 354 7.88 30.39 -2.38
N ASP A 355 8.47 30.46 -1.20
CA ASP A 355 8.54 31.72 -0.46
C ASP A 355 9.45 32.73 -1.13
N VAL A 356 10.40 32.29 -1.94
CA VAL A 356 11.24 33.22 -2.70
C VAL A 356 10.36 33.96 -3.69
N PRO A 357 10.59 35.25 -3.97
CA PRO A 357 9.78 35.91 -5.00
C PRO A 357 10.05 35.30 -6.36
N ALA A 358 8.96 34.94 -7.06
CA ALA A 358 9.10 34.17 -8.30
C ALA A 358 9.85 34.93 -9.38
N LEU A 359 9.82 36.26 -9.36
CA LEU A 359 10.54 37.07 -10.33
C LEU A 359 10.89 38.40 -9.68
N ARG A 360 12.18 38.73 -9.67
CA ARG A 360 12.64 39.95 -9.03
C ARG A 360 12.41 41.12 -9.99
N ASN A 361 12.97 42.28 -9.68
CA ASN A 361 12.81 43.44 -10.54
C ASN A 361 13.53 43.20 -11.87
N ILE A 362 12.77 43.27 -12.96
CA ILE A 362 13.28 43.02 -14.30
C ILE A 362 12.86 44.18 -15.20
N ASN A 363 13.79 44.65 -16.01
CA ASN A 363 13.54 45.66 -17.04
C ASN A 363 13.80 45.04 -18.40
N LEU A 364 12.78 45.05 -19.25
CA LEU A 364 12.88 44.37 -20.55
C LEU A 364 11.82 44.93 -21.49
N LYS A 365 12.24 45.27 -22.71
CA LYS A 365 11.35 45.77 -23.76
C LYS A 365 11.70 45.05 -25.06
N ILE A 366 10.68 44.60 -25.77
CA ILE A 366 10.86 43.85 -27.01
C ILE A 366 10.03 44.52 -28.11
N PRO A 367 10.57 45.51 -28.82
CA PRO A 367 9.80 46.15 -29.90
C PRO A 367 9.49 45.17 -31.03
N ALA A 368 8.42 45.49 -31.76
CA ALA A 368 7.97 44.64 -32.84
C ALA A 368 9.04 44.53 -33.92
N GLY A 369 9.23 43.32 -34.45
CA GLY A 369 10.22 43.08 -35.48
C GLY A 369 11.63 42.90 -34.99
N LYS A 370 11.87 42.96 -33.68
CA LYS A 370 13.20 42.83 -33.09
C LYS A 370 13.33 41.43 -32.49
N THR A 371 14.37 40.70 -32.90
CA THR A 371 14.60 39.36 -32.41
C THR A 371 15.43 39.44 -31.14
N VAL A 372 14.76 39.35 -29.99
CA VAL A 372 15.41 39.45 -28.69
C VAL A 372 15.56 38.05 -28.11
N ALA A 373 16.79 37.69 -27.76
CA ALA A 373 17.13 36.38 -27.23
C ALA A 373 17.56 36.52 -25.78
N LEU A 374 16.96 35.72 -24.91
CA LEU A 374 17.31 35.69 -23.49
C LEU A 374 18.18 34.47 -23.22
N VAL A 375 19.09 34.61 -22.26
CA VAL A 375 20.08 33.60 -21.94
C VAL A 375 20.03 33.31 -20.45
N GLY A 376 20.25 32.04 -20.10
CA GLY A 376 20.31 31.65 -18.71
C GLY A 376 20.98 30.31 -18.57
N ARG A 377 21.39 30.02 -17.33
CA ARG A 377 22.10 28.80 -16.97
C ARG A 377 21.33 27.93 -15.99
N SER A 378 20.86 28.51 -14.90
CA SER A 378 20.22 27.71 -13.86
C SER A 378 18.90 27.10 -14.33
N GLY A 379 18.16 27.82 -15.17
CA GLY A 379 16.86 27.39 -15.64
C GLY A 379 15.72 27.83 -14.75
N SER A 380 15.92 27.87 -13.44
CA SER A 380 14.91 28.38 -12.52
C SER A 380 14.69 29.85 -12.82
N GLY A 381 13.50 30.17 -13.33
CA GLY A 381 13.17 31.51 -13.79
C GLY A 381 13.24 31.70 -15.28
N LYS A 382 13.95 30.82 -15.99
CA LYS A 382 14.08 30.96 -17.44
C LYS A 382 12.74 30.80 -18.13
N SER A 383 11.96 29.78 -17.74
CA SER A 383 10.67 29.55 -18.38
C SER A 383 9.67 30.63 -18.01
N THR A 384 9.66 31.05 -16.74
CA THR A 384 8.60 31.92 -16.25
C THR A 384 8.73 33.36 -16.73
N ILE A 385 9.83 33.75 -17.36
CA ILE A 385 9.95 35.12 -17.84
C ILE A 385 9.24 35.27 -19.18
N ALA A 386 9.42 34.30 -20.08
CA ALA A 386 8.91 34.39 -21.45
C ALA A 386 7.69 33.50 -21.68
N SER A 387 7.57 32.39 -20.96
CA SER A 387 6.44 31.49 -21.14
C SER A 387 5.19 31.95 -20.39
N LEU A 388 5.26 33.06 -19.67
CA LEU A 388 4.16 33.52 -18.82
C LEU A 388 3.63 34.88 -19.25
N ILE A 389 3.87 35.27 -20.52
CA ILE A 389 3.22 36.45 -21.07
C ILE A 389 1.77 36.19 -21.42
N THR A 390 1.28 34.97 -21.24
CA THR A 390 -0.11 34.62 -21.48
C THR A 390 -1.01 34.89 -20.28
N ARG A 391 -0.44 35.34 -19.16
CA ARG A 391 -1.22 35.65 -17.96
C ARG A 391 -1.86 34.40 -17.38
N PHE A 392 -1.09 33.31 -17.30
CA PHE A 392 -1.52 32.14 -16.55
C PHE A 392 -1.39 32.38 -15.06
N TYR A 393 -0.16 32.61 -14.59
CA TYR A 393 0.07 32.98 -13.21
C TYR A 393 -0.37 34.41 -12.96
N ASP A 394 -0.89 34.67 -11.76
CA ASP A 394 -1.33 36.01 -11.43
C ASP A 394 -0.13 36.92 -11.21
N ILE A 395 -0.16 38.08 -11.85
CA ILE A 395 0.88 39.09 -11.69
C ILE A 395 0.46 40.02 -10.55
N ASP A 396 1.31 40.17 -9.55
CA ASP A 396 0.94 40.89 -8.33
C ASP A 396 1.11 42.39 -8.48
N GLU A 397 2.34 42.85 -8.76
CA GLU A 397 2.62 44.25 -8.99
C GLU A 397 3.52 44.37 -10.21
N GLY A 398 3.44 45.54 -10.85
CA GLY A 398 4.03 45.75 -12.16
C GLY A 398 3.01 45.51 -13.26
N GLU A 399 3.29 46.11 -14.42
CA GLU A 399 2.36 46.14 -15.53
C GLU A 399 3.02 45.62 -16.79
N ILE A 400 2.27 44.80 -17.54
CA ILE A 400 2.66 44.38 -18.89
C ILE A 400 1.84 45.21 -19.86
N LEU A 401 2.40 46.33 -20.31
CA LEU A 401 1.66 47.27 -21.14
C LEU A 401 1.38 46.64 -22.51
N MET A 402 0.11 46.66 -22.91
CA MET A 402 -0.34 46.11 -24.18
C MET A 402 -1.19 47.17 -24.86
N ASP A 403 -0.53 48.05 -25.63
CA ASP A 403 -1.21 49.06 -26.44
C ASP A 403 -2.10 49.96 -25.59
N GLY A 404 -1.49 50.56 -24.56
CA GLY A 404 -2.22 51.44 -23.67
C GLY A 404 -3.12 50.75 -22.67
N HIS A 405 -3.02 49.42 -22.54
CA HIS A 405 -3.80 48.66 -21.58
C HIS A 405 -2.94 47.56 -21.00
N ASP A 406 -3.26 47.19 -19.75
CA ASP A 406 -2.48 46.20 -19.03
C ASP A 406 -2.88 44.79 -19.48
N LEU A 407 -2.16 43.80 -18.95
CA LEU A 407 -2.42 42.41 -19.33
C LEU A 407 -3.81 41.96 -18.89
N ARG A 408 -4.22 42.36 -17.68
CA ARG A 408 -5.50 41.93 -17.13
C ARG A 408 -6.68 42.60 -17.81
N GLU A 409 -6.47 43.73 -18.50
CA GLU A 409 -7.55 44.46 -19.12
C GLU A 409 -8.01 43.86 -20.44
N TYR A 410 -7.28 42.89 -20.98
CA TYR A 410 -7.64 42.28 -22.27
C TYR A 410 -8.46 41.02 -22.04
N THR A 411 -9.60 40.95 -22.71
CA THR A 411 -10.42 39.74 -22.64
C THR A 411 -9.69 38.57 -23.29
N LEU A 412 -10.02 37.37 -22.83
CA LEU A 412 -9.38 36.16 -23.33
C LEU A 412 -9.86 35.90 -24.75
N ALA A 413 -8.99 36.12 -25.73
CA ALA A 413 -9.39 35.98 -27.13
C ALA A 413 -8.12 35.80 -27.97
N SER A 414 -8.29 35.89 -29.29
CA SER A 414 -7.22 35.67 -30.26
C SER A 414 -6.63 34.28 -30.06
N LEU A 415 -5.34 34.16 -29.74
CA LEU A 415 -4.75 32.82 -29.63
C LEU A 415 -5.05 32.21 -28.26
N ARG A 416 -4.47 32.81 -27.21
CA ARG A 416 -4.93 32.64 -25.84
C ARG A 416 -5.32 33.99 -25.26
N ASN A 417 -4.41 34.95 -25.29
CA ASN A 417 -4.76 36.35 -25.24
C ASN A 417 -4.24 37.02 -26.50
N GLN A 418 -2.94 36.83 -26.81
CA GLN A 418 -2.41 37.32 -28.07
C GLN A 418 -1.30 36.47 -28.69
N VAL A 419 -0.88 35.36 -28.07
CA VAL A 419 0.45 34.81 -28.31
C VAL A 419 0.36 33.29 -28.39
N ALA A 420 1.24 32.72 -29.23
CA ALA A 420 1.40 31.29 -29.40
C ALA A 420 2.67 30.82 -28.68
N LEU A 421 2.92 29.51 -28.72
CA LEU A 421 4.03 28.90 -28.00
C LEU A 421 4.40 27.57 -28.64
N VAL A 422 5.67 27.18 -28.53
CA VAL A 422 6.14 25.88 -28.96
C VAL A 422 7.18 25.38 -27.97
N SER A 423 7.16 24.09 -27.68
CA SER A 423 8.15 23.49 -26.79
C SER A 423 8.19 21.99 -27.08
N GLN A 424 9.04 21.28 -26.34
CA GLN A 424 9.11 19.83 -26.50
C GLN A 424 7.92 19.13 -25.85
N ASN A 425 7.16 19.81 -25.00
CA ASN A 425 5.91 19.29 -24.44
C ASN A 425 4.76 19.98 -25.16
N VAL A 426 4.36 19.40 -26.29
CA VAL A 426 3.17 19.80 -27.03
C VAL A 426 2.32 18.56 -27.21
N HIS A 427 1.26 18.45 -26.40
CA HIS A 427 0.46 17.24 -26.35
C HIS A 427 -0.53 17.25 -27.50
N LEU A 428 -0.40 16.29 -28.41
CA LEU A 428 -1.20 16.26 -29.63
C LEU A 428 -2.51 15.55 -29.33
N PHE A 429 -3.59 16.04 -29.94
CA PHE A 429 -4.92 15.48 -29.77
C PHE A 429 -5.26 14.56 -30.95
N ASN A 430 -6.25 13.71 -30.74
CA ASN A 430 -6.64 12.72 -31.74
C ASN A 430 -7.76 13.26 -32.62
N ASP A 431 -7.41 14.30 -33.37
CA ASP A 431 -8.29 14.85 -34.43
C ASP A 431 -7.29 14.88 -35.59
N THR A 432 -7.72 14.96 -36.86
CA THR A 432 -6.71 14.83 -37.95
C THR A 432 -5.60 15.86 -37.76
N VAL A 433 -4.34 15.48 -37.97
CA VAL A 433 -3.19 16.42 -37.71
C VAL A 433 -3.46 17.74 -38.41
N ALA A 434 -4.17 17.72 -39.53
CA ALA A 434 -4.58 18.94 -40.22
C ALA A 434 -5.45 19.80 -39.32
N ASN A 435 -6.44 19.19 -38.67
CA ASN A 435 -7.25 19.91 -37.71
C ASN A 435 -6.51 20.12 -36.40
N ASN A 436 -5.51 19.31 -36.10
CA ASN A 436 -4.67 19.57 -34.93
C ASN A 436 -3.95 20.90 -35.07
N ILE A 437 -3.48 21.22 -36.28
CA ILE A 437 -2.90 22.52 -36.53
C ILE A 437 -3.94 23.58 -36.87
N ALA A 438 -5.14 23.16 -37.27
CA ALA A 438 -6.27 24.07 -37.43
C ALA A 438 -7.25 23.90 -36.27
N TYR A 439 -6.71 23.60 -35.09
CA TYR A 439 -7.54 23.35 -33.93
C TYR A 439 -8.33 24.60 -33.54
N ALA A 440 -9.53 24.36 -33.02
CA ALA A 440 -10.47 25.43 -32.67
C ALA A 440 -10.96 26.16 -33.91
N ARG A 441 -10.06 26.89 -34.58
CA ARG A 441 -10.43 27.67 -35.76
C ARG A 441 -10.39 26.83 -37.03
N THR A 442 -11.07 25.68 -37.00
CA THR A 442 -11.06 24.80 -38.17
C THR A 442 -11.91 25.36 -39.29
N GLU A 443 -13.10 25.88 -38.99
CA GLU A 443 -13.99 26.39 -40.01
C GLU A 443 -13.43 27.64 -40.67
N GLN A 444 -12.71 28.47 -39.91
CA GLN A 444 -12.21 29.73 -40.46
C GLN A 444 -11.18 29.50 -41.56
N TYR A 445 -10.29 28.53 -41.36
CA TYR A 445 -9.21 28.25 -42.29
C TYR A 445 -9.53 27.02 -43.13
N SER A 446 -9.37 27.14 -44.45
CA SER A 446 -9.67 26.05 -45.36
C SER A 446 -8.59 24.99 -45.31
N ARG A 447 -8.82 23.89 -46.03
CA ARG A 447 -7.81 22.83 -46.11
C ARG A 447 -6.66 23.23 -47.02
N GLU A 448 -6.91 24.08 -48.02
CA GLU A 448 -5.85 24.47 -48.93
C GLU A 448 -4.76 25.27 -48.22
N GLN A 449 -5.16 26.26 -47.41
CA GLN A 449 -4.15 26.97 -46.62
C GLN A 449 -3.54 26.08 -45.55
N ILE A 450 -4.26 25.05 -45.09
CA ILE A 450 -3.69 24.11 -44.13
C ILE A 450 -2.54 23.33 -44.79
N GLU A 451 -2.76 22.80 -45.98
CA GLU A 451 -1.67 22.11 -46.66
C GLU A 451 -0.58 23.09 -47.10
N GLU A 452 -0.90 24.36 -47.31
CA GLU A 452 0.16 25.35 -47.53
C GLU A 452 1.03 25.52 -46.28
N ALA A 453 0.38 25.61 -45.11
CA ALA A 453 1.11 25.65 -43.85
C ALA A 453 2.00 24.43 -43.70
N ALA A 454 1.48 23.25 -44.06
CA ALA A 454 2.32 22.07 -44.10
C ALA A 454 3.45 22.21 -45.11
N ARG A 455 3.19 22.89 -46.23
CA ARG A 455 4.28 23.13 -47.22
C ARG A 455 5.40 23.93 -46.53
N MET A 456 5.03 24.98 -45.80
CA MET A 456 6.04 25.78 -45.05
C MET A 456 6.68 24.91 -43.97
N ALA A 457 5.90 24.06 -43.30
CA ALA A 457 6.45 23.14 -42.28
C ALA A 457 7.61 22.35 -42.90
N TYR A 458 7.49 21.94 -44.16
CA TYR A 458 8.59 21.28 -44.85
C TYR A 458 9.08 20.06 -44.06
N ALA A 459 8.19 19.08 -43.90
CA ALA A 459 8.50 17.85 -43.17
C ALA A 459 7.83 16.65 -43.82
N MET A 460 7.90 16.55 -45.15
CA MET A 460 7.18 15.49 -45.86
C MET A 460 7.65 14.10 -45.44
N ASP A 461 8.95 13.93 -45.17
CA ASP A 461 9.48 12.62 -44.82
C ASP A 461 8.91 12.07 -43.52
N PHE A 462 8.28 12.91 -42.68
CA PHE A 462 7.76 12.50 -41.38
C PHE A 462 6.24 12.53 -41.31
N ILE A 463 5.61 13.62 -41.74
CA ILE A 463 4.17 13.79 -41.56
C ILE A 463 3.41 13.45 -42.84
N ASN A 464 3.85 13.96 -43.97
CA ASN A 464 3.11 13.84 -45.24
C ASN A 464 4.00 13.13 -46.25
N LYS A 465 3.92 11.80 -46.27
CA LYS A 465 4.60 10.95 -47.25
C LYS A 465 3.65 9.84 -47.71
N MET A 466 2.41 10.23 -48.02
CA MET A 466 1.36 9.31 -48.46
C MET A 466 0.99 8.31 -47.36
N ASP A 467 1.26 8.66 -46.10
CA ASP A 467 0.58 7.96 -45.01
C ASP A 467 -0.91 8.19 -45.12
N ASN A 468 -1.31 9.42 -45.42
CA ASN A 468 -2.61 9.77 -45.95
C ASN A 468 -2.39 11.01 -46.81
N GLY A 469 -3.47 11.60 -47.31
CA GLY A 469 -3.33 12.90 -47.94
C GLY A 469 -2.78 13.88 -46.94
N LEU A 470 -3.62 14.27 -45.97
CA LEU A 470 -3.12 14.88 -44.75
C LEU A 470 -3.93 14.40 -43.54
N ASP A 471 -4.83 13.45 -43.69
CA ASP A 471 -5.86 13.17 -42.69
C ASP A 471 -5.41 12.20 -41.61
N THR A 472 -4.27 11.53 -41.78
CA THR A 472 -3.80 10.62 -40.74
C THR A 472 -3.51 11.38 -39.45
N VAL A 473 -3.73 10.70 -38.32
CA VAL A 473 -3.52 11.27 -37.00
C VAL A 473 -2.44 10.47 -36.29
N ILE A 474 -1.66 11.17 -35.48
CA ILE A 474 -0.73 10.49 -34.57
C ILE A 474 -1.53 10.02 -33.36
N GLY A 475 -1.76 8.71 -33.31
CA GLY A 475 -2.65 8.18 -32.27
C GLY A 475 -2.06 8.36 -30.88
N GLU A 476 -2.95 8.54 -29.91
CA GLU A 476 -2.54 8.54 -28.51
C GLU A 476 -1.84 7.22 -28.20
N ASN A 477 -0.65 7.34 -27.57
CA ASN A 477 0.33 6.28 -27.33
C ASN A 477 0.38 5.27 -28.49
N GLY A 478 0.38 5.80 -29.71
CA GLY A 478 0.32 5.03 -30.93
C GLY A 478 1.58 5.14 -31.77
N VAL A 479 1.52 6.02 -32.78
CA VAL A 479 2.65 6.19 -33.68
C VAL A 479 3.85 6.75 -32.94
N LEU A 480 3.61 7.72 -32.05
CA LEU A 480 4.68 8.41 -31.32
C LEU A 480 5.69 9.03 -32.28
N LEU A 481 5.21 10.02 -33.03
CA LEU A 481 6.10 10.75 -33.93
C LEU A 481 7.05 11.63 -33.10
N SER A 482 8.17 11.99 -33.71
CA SER A 482 9.30 12.57 -32.99
C SER A 482 8.92 13.88 -32.31
N GLY A 483 9.56 14.12 -31.16
CA GLY A 483 9.31 15.35 -30.42
C GLY A 483 9.70 16.58 -31.21
N GLY A 484 10.88 16.57 -31.82
CA GLY A 484 11.26 17.67 -32.68
C GLY A 484 10.28 17.87 -33.82
N GLN A 485 9.80 16.77 -34.39
CA GLN A 485 8.83 16.89 -35.47
C GLN A 485 7.50 17.45 -34.97
N ARG A 486 7.08 17.08 -33.76
CA ARG A 486 5.86 17.69 -33.24
C ARG A 486 6.06 19.17 -32.95
N GLN A 487 7.27 19.58 -32.56
CA GLN A 487 7.57 21.00 -32.49
C GLN A 487 7.45 21.66 -33.87
N ARG A 488 7.92 20.96 -34.90
CA ARG A 488 7.85 21.52 -36.26
C ARG A 488 6.41 21.75 -36.68
N ILE A 489 5.54 20.76 -36.48
CA ILE A 489 4.14 20.97 -36.84
C ILE A 489 3.47 21.95 -35.89
N ALA A 490 3.98 22.11 -34.67
CA ALA A 490 3.44 23.14 -33.78
C ALA A 490 3.73 24.53 -34.32
N ILE A 491 4.96 24.77 -34.77
CA ILE A 491 5.24 26.07 -35.37
C ILE A 491 4.52 26.22 -36.70
N ALA A 492 4.27 25.11 -37.40
CA ALA A 492 3.42 25.18 -38.58
C ALA A 492 2.01 25.64 -38.20
N ARG A 493 1.48 25.10 -37.12
CA ARG A 493 0.20 25.58 -36.59
C ARG A 493 0.27 27.06 -36.27
N ALA A 494 1.39 27.49 -35.68
CA ALA A 494 1.54 28.91 -35.29
C ALA A 494 1.54 29.81 -36.52
N LEU A 495 2.33 29.47 -37.55
CA LEU A 495 2.35 30.27 -38.80
C LEU A 495 0.98 30.23 -39.49
N LEU A 496 0.27 29.10 -39.43
CA LEU A 496 -1.10 29.03 -39.99
C LEU A 496 -2.00 30.06 -39.27
N ARG A 497 -2.02 30.01 -37.93
CA ARG A 497 -2.80 30.97 -37.17
C ARG A 497 -2.18 32.37 -37.14
N ASP A 498 -1.02 32.55 -37.79
CA ASP A 498 -0.37 33.87 -37.90
C ASP A 498 -0.05 34.42 -36.51
N SER A 499 0.84 33.71 -35.84
CA SER A 499 1.22 34.04 -34.47
C SER A 499 1.79 35.45 -34.41
N PRO A 500 1.23 36.38 -33.62
CA PRO A 500 1.86 37.70 -33.53
C PRO A 500 3.23 37.65 -32.86
N ILE A 501 3.32 37.08 -31.66
CA ILE A 501 4.58 36.86 -30.97
C ILE A 501 4.70 35.35 -30.74
N LEU A 502 5.94 34.86 -30.70
CA LEU A 502 6.22 33.44 -30.56
C LEU A 502 7.20 33.21 -29.43
N ILE A 503 6.96 32.12 -28.69
CA ILE A 503 7.83 31.63 -27.64
C ILE A 503 8.30 30.24 -28.04
N LEU A 504 9.61 29.99 -27.94
CA LEU A 504 10.16 28.67 -28.20
C LEU A 504 11.23 28.37 -27.17
N ASP A 505 11.22 27.13 -26.67
CA ASP A 505 12.13 26.72 -25.61
C ASP A 505 13.45 26.19 -26.13
N GLU A 506 13.42 25.43 -27.24
CA GLU A 506 14.62 24.82 -27.80
C GLU A 506 15.29 23.89 -26.79
N ALA A 507 14.51 22.92 -26.33
CA ALA A 507 14.96 21.92 -25.37
C ALA A 507 15.36 20.61 -26.04
N THR A 508 15.83 20.67 -27.29
CA THR A 508 16.22 19.46 -27.99
C THR A 508 17.62 19.02 -27.61
N SER A 509 18.63 19.84 -27.94
CA SER A 509 20.03 19.54 -27.68
C SER A 509 20.41 18.16 -28.20
N ALA A 510 19.94 17.86 -29.41
CA ALA A 510 20.08 16.53 -30.01
C ALA A 510 20.42 16.73 -31.48
N LEU A 511 20.30 15.64 -32.26
CA LEU A 511 20.63 15.71 -33.68
C LEU A 511 19.67 16.65 -34.39
N ASP A 512 20.24 17.58 -35.16
CA ASP A 512 19.46 18.62 -35.84
C ASP A 512 19.09 18.17 -37.25
N THR A 513 18.46 17.00 -37.32
CA THR A 513 18.11 16.39 -38.61
C THR A 513 16.99 17.19 -39.24
N GLU A 514 17.37 18.15 -40.09
CA GLU A 514 16.52 19.00 -40.94
C GLU A 514 15.83 20.08 -40.09
N SER A 515 15.87 19.97 -38.75
CA SER A 515 15.34 21.04 -37.94
C SER A 515 16.28 22.25 -37.92
N GLU A 516 17.56 22.06 -38.25
CA GLU A 516 18.46 23.19 -38.40
C GLU A 516 18.01 24.13 -39.50
N ARG A 517 17.38 23.62 -40.56
CA ARG A 517 16.75 24.50 -41.53
C ARG A 517 15.59 25.25 -40.91
N ALA A 518 14.60 24.51 -40.41
CA ALA A 518 13.41 25.10 -39.79
C ALA A 518 13.56 25.17 -38.27
N ILE A 519 14.67 25.77 -37.83
CA ILE A 519 14.86 25.97 -36.40
C ILE A 519 13.85 27.00 -35.89
N GLN A 520 13.55 28.02 -36.69
CA GLN A 520 12.50 29.00 -36.40
C GLN A 520 11.70 29.25 -37.68
N ALA A 521 10.70 28.39 -37.91
CA ALA A 521 9.72 28.55 -38.98
C ALA A 521 10.39 28.80 -40.33
N ALA A 522 11.41 27.99 -40.60
CA ALA A 522 12.21 28.09 -41.83
C ALA A 522 12.95 29.41 -41.95
N LEU A 523 13.11 30.15 -40.85
CA LEU A 523 13.82 31.42 -40.84
C LEU A 523 13.19 32.39 -41.86
N ASP A 524 11.96 32.77 -41.55
CA ASP A 524 11.07 33.41 -42.51
C ASP A 524 10.40 34.58 -41.78
N GLU A 525 9.30 35.10 -42.35
CA GLU A 525 8.59 36.27 -41.82
C GLU A 525 8.32 36.18 -40.32
N LEU A 526 8.22 34.98 -39.75
CA LEU A 526 8.09 34.86 -38.30
C LEU A 526 9.30 35.42 -37.57
N GLN A 527 10.46 35.50 -38.22
CA GLN A 527 11.66 36.11 -37.66
C GLN A 527 11.84 37.56 -38.10
N LYS A 528 11.72 37.83 -39.40
CA LYS A 528 11.89 39.20 -39.89
C LYS A 528 10.83 40.13 -39.29
N ASN A 529 9.58 39.69 -39.27
CA ASN A 529 8.50 40.31 -38.53
C ASN A 529 8.10 39.35 -37.41
N ARG A 530 7.11 39.76 -36.61
CA ARG A 530 6.55 38.91 -35.55
C ARG A 530 7.65 38.49 -34.57
N THR A 531 8.10 39.52 -33.84
CA THR A 531 9.18 39.34 -32.83
C THR A 531 8.91 38.13 -31.95
N SER A 532 9.98 37.52 -31.47
CA SER A 532 9.83 36.30 -30.69
C SER A 532 10.94 36.21 -29.66
N LEU A 533 10.70 35.37 -28.64
CA LEU A 533 11.68 35.08 -27.61
C LEU A 533 12.21 33.66 -27.78
N VAL A 534 13.46 33.47 -27.38
CA VAL A 534 14.15 32.20 -27.51
C VAL A 534 14.86 31.90 -26.20
N ILE A 535 14.66 30.70 -25.68
CA ILE A 535 15.43 30.23 -24.53
C ILE A 535 16.72 29.62 -25.07
N ALA A 536 17.86 30.08 -24.53
CA ALA A 536 19.15 29.83 -25.14
C ALA A 536 19.60 28.40 -24.89
N HIS A 537 19.68 27.60 -25.96
CA HIS A 537 20.35 26.31 -25.92
C HIS A 537 21.25 26.05 -27.12
N ARG A 538 21.08 26.76 -28.23
CA ARG A 538 21.85 26.55 -29.45
C ARG A 538 22.45 27.87 -29.92
N LEU A 539 23.63 27.78 -30.52
CA LEU A 539 24.34 28.96 -31.00
C LEU A 539 23.62 29.66 -32.15
N SER A 540 22.69 28.96 -32.83
CA SER A 540 21.87 29.62 -33.83
C SER A 540 21.06 30.76 -33.22
N THR A 541 20.50 30.52 -32.03
CA THR A 541 19.79 31.58 -31.32
C THR A 541 20.76 32.65 -30.83
N ILE A 542 21.97 32.26 -30.44
CA ILE A 542 22.92 33.21 -29.89
C ILE A 542 23.36 34.21 -30.96
N GLU A 543 23.74 33.71 -32.14
CA GLU A 543 24.21 34.59 -33.20
C GLU A 543 23.09 35.38 -33.85
N LYS A 544 21.84 34.97 -33.68
CA LYS A 544 20.67 35.69 -34.20
C LYS A 544 19.95 36.32 -33.00
N ALA A 545 20.34 37.53 -32.66
CA ALA A 545 19.74 38.27 -31.56
C ALA A 545 19.93 39.75 -31.79
N ASP A 546 18.95 40.54 -31.35
CA ASP A 546 18.99 41.99 -31.49
C ASP A 546 19.64 42.66 -30.29
N GLU A 547 19.12 42.40 -29.09
CA GLU A 547 19.69 42.94 -27.86
C GLU A 547 19.44 41.93 -26.76
N ILE A 548 20.47 41.17 -26.41
CA ILE A 548 20.32 40.07 -25.46
C ILE A 548 20.21 40.65 -24.06
N VAL A 549 19.15 40.27 -23.35
CA VAL A 549 18.95 40.62 -21.95
C VAL A 549 19.40 39.42 -21.12
N VAL A 550 20.56 39.54 -20.47
CA VAL A 550 21.10 38.45 -19.67
C VAL A 550 20.30 38.39 -18.37
N VAL A 551 19.64 37.25 -18.14
CA VAL A 551 18.82 37.04 -16.96
C VAL A 551 19.22 35.70 -16.34
N GLU A 552 19.53 35.72 -15.05
CA GLU A 552 19.81 34.51 -14.29
C GLU A 552 19.33 34.71 -12.86
N ASP A 553 18.61 33.72 -12.33
CA ASP A 553 18.10 33.75 -10.96
C ASP A 553 17.16 34.92 -10.74
N GLY A 554 16.38 35.28 -11.76
CA GLY A 554 15.36 36.30 -11.63
C GLY A 554 15.85 37.73 -11.64
N VAL A 555 17.13 37.96 -11.96
CA VAL A 555 17.69 39.30 -12.00
C VAL A 555 18.51 39.46 -13.28
N ILE A 556 18.72 40.72 -13.66
CA ILE A 556 19.52 41.08 -14.82
C ILE A 556 20.90 41.50 -14.35
N VAL A 557 21.93 41.13 -15.14
CA VAL A 557 23.30 41.52 -14.87
C VAL A 557 23.84 42.36 -16.04
N GLU A 558 23.34 42.10 -17.24
CA GLU A 558 23.73 42.84 -18.44
C GLU A 558 22.50 43.10 -19.29
N ARG A 559 22.53 44.23 -20.00
CA ARG A 559 21.44 44.62 -20.88
C ARG A 559 21.95 45.23 -22.18
N GLY A 560 23.24 45.02 -22.50
CA GLY A 560 23.84 45.60 -23.68
C GLY A 560 23.66 44.74 -24.92
N THR A 561 24.17 45.25 -26.03
CA THR A 561 24.12 44.51 -27.29
C THR A 561 25.04 43.30 -27.19
N HIS A 562 24.57 42.17 -27.72
CA HIS A 562 25.34 40.89 -27.64
C HIS A 562 26.75 41.08 -28.19
N ASN A 563 26.90 41.77 -29.33
CA ASN A 563 28.23 41.92 -29.91
C ASN A 563 29.12 42.82 -29.05
N ASP A 564 28.56 43.86 -28.44
CA ASP A 564 29.32 44.66 -27.49
C ASP A 564 29.72 43.81 -26.30
N LEU A 565 28.83 42.95 -25.81
CA LEU A 565 29.17 42.05 -24.72
C LEU A 565 30.13 40.94 -25.17
N LEU A 566 30.23 40.69 -26.48
CA LEU A 566 31.18 39.70 -26.98
C LEU A 566 32.61 40.20 -26.99
N GLU A 567 32.83 41.50 -27.16
CA GLU A 567 34.18 42.04 -27.22
C GLU A 567 34.92 41.82 -25.90
N HIS A 568 34.26 42.12 -24.78
CA HIS A 568 34.78 41.86 -23.45
C HIS A 568 34.11 40.60 -22.90
N ARG A 569 34.44 40.24 -21.66
CA ARG A 569 33.87 39.04 -21.05
C ARG A 569 32.47 39.32 -20.51
N GLY A 570 32.37 40.21 -19.51
CA GLY A 570 31.08 40.47 -18.89
C GLY A 570 30.51 39.20 -18.29
N VAL A 571 29.24 38.94 -18.60
CA VAL A 571 28.57 37.71 -18.20
C VAL A 571 28.05 36.92 -19.41
N TYR A 572 27.75 37.61 -20.51
CA TYR A 572 27.27 36.92 -21.74
C TYR A 572 28.34 35.95 -22.23
N ALA A 573 29.61 36.39 -22.25
CA ALA A 573 30.69 35.54 -22.73
C ALA A 573 30.91 34.34 -21.82
N GLN A 574 30.64 34.46 -20.53
CA GLN A 574 30.77 33.31 -19.64
C GLN A 574 29.78 32.22 -20.01
N LEU A 575 28.49 32.58 -20.09
CA LEU A 575 27.47 31.63 -20.50
C LEU A 575 27.77 31.08 -21.90
N HIS A 576 28.36 31.93 -22.75
CA HIS A 576 28.89 31.43 -24.01
C HIS A 576 29.93 30.35 -23.76
N LYS A 577 30.91 30.61 -22.90
CA LYS A 577 32.02 29.64 -22.70
C LYS A 577 31.46 28.24 -22.50
N MET A 578 30.63 28.04 -21.47
CA MET A 578 30.07 26.70 -21.16
C MET A 578 29.13 26.20 -22.27
N GLN A 579 28.33 27.08 -22.88
CA GLN A 579 27.31 26.61 -23.87
C GLN A 579 27.90 26.12 -25.19
N PHE A 580 29.20 26.27 -25.44
CA PHE A 580 29.73 25.70 -26.69
C PHE A 580 29.29 24.25 -26.86
N THR B 12 4.42 -30.93 1.53
CA THR B 12 5.61 -30.90 0.64
C THR B 12 6.89 -30.82 1.47
N PHE B 13 7.00 -29.77 2.26
CA PHE B 13 8.17 -29.52 3.10
C PHE B 13 7.85 -30.02 4.51
N ARG B 14 8.41 -31.16 4.87
CA ARG B 14 8.10 -31.84 6.12
C ARG B 14 9.03 -31.42 7.25
N ARG B 15 9.62 -30.24 7.17
CA ARG B 15 10.57 -29.79 8.19
C ARG B 15 9.88 -29.31 9.46
N LEU B 16 8.57 -29.05 9.43
CA LEU B 16 7.87 -28.67 10.65
C LEU B 16 7.63 -29.87 11.56
N TRP B 17 7.57 -31.07 10.99
CA TRP B 17 7.15 -32.23 11.76
C TRP B 17 8.17 -32.66 12.82
N PRO B 18 9.49 -32.58 12.57
CA PRO B 18 10.43 -32.86 13.66
C PRO B 18 10.23 -31.99 14.87
N THR B 19 9.91 -30.71 14.68
CA THR B 19 9.64 -29.83 15.81
C THR B 19 8.25 -30.06 16.39
N ILE B 20 7.31 -30.51 15.57
CA ILE B 20 6.00 -30.88 16.09
C ILE B 20 6.10 -32.13 16.95
N ALA B 21 7.09 -32.98 16.68
CA ALA B 21 7.21 -34.25 17.38
C ALA B 21 7.23 -34.15 18.90
N PRO B 22 7.99 -33.25 19.54
CA PRO B 22 7.89 -33.13 21.00
C PRO B 22 6.55 -32.62 21.50
N PHE B 23 5.67 -32.19 20.59
CA PHE B 23 4.29 -31.81 21.03
C PHE B 23 3.27 -32.35 20.02
N LYS B 24 3.61 -33.46 19.37
CA LYS B 24 2.69 -34.03 18.39
C LYS B 24 1.39 -34.51 19.03
N ALA B 25 1.40 -34.84 20.31
CA ALA B 25 0.16 -35.20 20.99
C ALA B 25 -0.83 -34.06 21.05
N GLY B 26 -0.34 -32.81 20.98
CA GLY B 26 -1.24 -31.67 21.06
C GLY B 26 -2.26 -31.64 19.94
N LEU B 27 -1.82 -31.87 18.71
CA LEU B 27 -2.75 -31.86 17.59
C LEU B 27 -3.76 -32.98 17.71
N ILE B 28 -3.34 -34.14 18.21
CA ILE B 28 -4.29 -35.25 18.37
C ILE B 28 -5.36 -34.89 19.41
N VAL B 29 -4.94 -34.33 20.55
CA VAL B 29 -5.94 -33.99 21.55
C VAL B 29 -6.80 -32.81 21.11
N ALA B 30 -6.31 -31.99 20.19
CA ALA B 30 -7.17 -30.96 19.61
C ALA B 30 -8.18 -31.57 18.65
N GLY B 31 -7.74 -32.53 17.83
CA GLY B 31 -8.63 -33.13 16.86
C GLY B 31 -9.72 -33.96 17.50
N VAL B 32 -9.39 -34.65 18.60
CA VAL B 32 -10.41 -35.47 19.25
C VAL B 32 -11.53 -34.60 19.80
N ALA B 33 -11.24 -33.38 20.23
CA ALA B 33 -12.25 -32.44 20.66
C ALA B 33 -12.97 -31.80 19.48
N LEU B 34 -12.25 -31.50 18.41
CA LEU B 34 -12.87 -30.82 17.28
C LEU B 34 -13.82 -31.75 16.53
N ILE B 35 -13.55 -33.06 16.53
CA ILE B 35 -14.47 -33.98 15.90
C ILE B 35 -15.81 -33.95 16.62
N LEU B 36 -15.79 -33.95 17.96
CA LEU B 36 -17.03 -33.82 18.72
C LEU B 36 -17.70 -32.48 18.44
N ASN B 37 -16.90 -31.41 18.35
CA ASN B 37 -17.48 -30.10 18.08
C ASN B 37 -18.18 -30.07 16.73
N ALA B 38 -17.58 -30.68 15.71
CA ALA B 38 -18.23 -30.77 14.42
C ALA B 38 -19.48 -31.64 14.47
N ALA B 39 -19.41 -32.78 15.16
CA ALA B 39 -20.56 -33.65 15.28
C ALA B 39 -21.71 -33.02 16.05
N SER B 40 -21.43 -32.01 16.87
CA SER B 40 -22.49 -31.34 17.61
C SER B 40 -23.52 -30.74 16.66
N ASP B 41 -23.07 -30.04 15.62
CA ASP B 41 -24.02 -29.42 14.70
C ASP B 41 -24.79 -30.47 13.92
N THR B 42 -24.12 -31.56 13.50
CA THR B 42 -24.82 -32.61 12.78
C THR B 42 -25.89 -33.24 13.65
N PHE B 43 -25.58 -33.51 14.91
CA PHE B 43 -26.58 -34.06 15.82
C PHE B 43 -27.71 -33.07 16.06
N MET B 44 -27.37 -31.77 16.15
CA MET B 44 -28.39 -30.75 16.35
C MET B 44 -29.35 -30.76 15.18
N LEU B 45 -28.83 -30.87 13.95
CA LEU B 45 -29.69 -31.02 12.79
C LEU B 45 -30.51 -32.30 12.87
N SER B 46 -29.90 -33.40 13.33
CA SER B 46 -30.61 -34.66 13.43
C SER B 46 -31.79 -34.58 14.39
N LEU B 47 -31.73 -33.68 15.38
CA LEU B 47 -32.88 -33.57 16.28
C LEU B 47 -34.14 -33.07 15.58
N LEU B 48 -34.04 -32.53 14.36
CA LEU B 48 -35.22 -32.01 13.69
C LEU B 48 -36.26 -33.10 13.45
N LYS B 49 -35.82 -34.29 13.04
CA LYS B 49 -36.78 -35.37 12.79
C LYS B 49 -37.57 -35.72 14.04
N PRO B 50 -36.97 -35.89 15.22
CA PRO B 50 -37.78 -35.93 16.44
C PRO B 50 -38.63 -34.69 16.66
N LEU B 51 -38.16 -33.51 16.29
CA LEU B 51 -38.89 -32.29 16.60
C LEU B 51 -40.21 -32.23 15.84
N LEU B 52 -40.18 -32.51 14.55
CA LEU B 52 -41.36 -32.29 13.70
C LEU B 52 -42.34 -33.44 13.81
N ASP B 53 -41.94 -34.62 13.33
CA ASP B 53 -42.90 -35.71 13.17
C ASP B 53 -43.12 -36.45 14.48
N ASP B 54 -42.05 -36.79 15.20
CA ASP B 54 -42.22 -37.40 16.51
C ASP B 54 -42.85 -36.42 17.49
N GLY B 55 -42.70 -35.12 17.25
CA GLY B 55 -43.24 -34.10 18.14
C GLY B 55 -44.57 -33.54 17.70
N PHE B 56 -44.63 -32.23 17.51
CA PHE B 56 -45.89 -31.54 17.20
C PHE B 56 -46.49 -31.96 15.87
N GLY B 57 -45.73 -32.62 14.99
CA GLY B 57 -46.32 -33.13 13.77
C GLY B 57 -47.40 -34.17 14.04
N LYS B 58 -47.16 -35.07 15.00
CA LYS B 58 -48.17 -36.00 15.44
C LYS B 58 -49.11 -35.42 16.49
N THR B 59 -48.87 -34.19 16.93
CA THR B 59 -49.70 -33.53 17.93
C THR B 59 -49.71 -34.35 19.23
N ASP B 60 -48.50 -34.52 19.77
CA ASP B 60 -48.33 -35.19 21.05
C ASP B 60 -47.15 -34.56 21.76
N ARG B 61 -47.16 -34.66 23.09
CA ARG B 61 -46.13 -33.99 23.89
C ARG B 61 -44.77 -34.62 23.63
N SER B 62 -44.70 -35.95 23.72
CA SER B 62 -43.53 -36.72 23.31
C SER B 62 -42.34 -36.28 24.15
N VAL B 63 -41.29 -35.68 23.58
CA VAL B 63 -40.09 -35.30 24.32
C VAL B 63 -39.74 -33.84 24.03
N LEU B 64 -40.74 -33.02 23.69
CA LEU B 64 -40.50 -31.60 23.49
C LEU B 64 -39.90 -30.92 24.70
N VAL B 65 -40.19 -31.40 25.91
CA VAL B 65 -39.56 -30.88 27.12
C VAL B 65 -38.08 -31.22 27.20
N TRP B 66 -37.61 -32.20 26.42
CA TRP B 66 -36.22 -32.61 26.42
C TRP B 66 -35.39 -31.88 25.37
N MET B 67 -35.97 -31.60 24.21
CA MET B 67 -35.21 -31.09 23.06
C MET B 67 -34.48 -29.78 23.36
N PRO B 68 -35.08 -28.80 24.05
CA PRO B 68 -34.27 -27.65 24.48
C PRO B 68 -33.14 -28.06 25.42
N LEU B 69 -33.46 -28.96 26.35
CA LEU B 69 -32.42 -29.47 27.23
C LEU B 69 -31.38 -30.26 26.47
N VAL B 70 -31.79 -30.98 25.42
CA VAL B 70 -30.81 -31.65 24.58
C VAL B 70 -29.96 -30.64 23.85
N VAL B 71 -30.55 -29.51 23.45
CA VAL B 71 -29.79 -28.48 22.78
C VAL B 71 -28.71 -27.93 23.70
N ILE B 72 -29.08 -27.64 24.94
CA ILE B 72 -28.09 -27.14 25.90
C ILE B 72 -27.04 -28.22 26.19
N GLY B 73 -27.48 -29.48 26.34
CA GLY B 73 -26.59 -30.58 26.65
C GLY B 73 -25.63 -30.95 25.55
N LEU B 74 -25.95 -30.60 24.31
CA LEU B 74 -25.02 -30.77 23.20
C LEU B 74 -24.20 -29.51 22.95
N MET B 75 -24.73 -28.33 23.27
CA MET B 75 -23.90 -27.14 23.15
C MET B 75 -22.89 -26.99 24.27
N ILE B 76 -23.07 -27.66 25.40
CA ILE B 76 -21.95 -27.72 26.35
C ILE B 76 -20.78 -28.42 25.68
N LEU B 77 -21.04 -29.53 25.00
CA LEU B 77 -20.01 -30.23 24.24
C LEU B 77 -19.57 -29.46 23.01
N ARG B 78 -20.36 -28.48 22.57
CA ARG B 78 -19.85 -27.55 21.58
C ARG B 78 -18.83 -26.60 22.21
N GLY B 79 -19.27 -25.85 23.22
CA GLY B 79 -18.46 -24.76 23.73
C GLY B 79 -17.21 -25.20 24.46
N ILE B 80 -17.35 -26.18 25.37
CA ILE B 80 -16.19 -26.61 26.16
C ILE B 80 -15.12 -27.18 25.24
N THR B 81 -15.53 -28.00 24.28
CA THR B 81 -14.57 -28.55 23.32
C THR B 81 -14.04 -27.50 22.36
N SER B 82 -14.82 -26.48 22.01
CA SER B 82 -14.27 -25.38 21.23
C SER B 82 -13.15 -24.69 21.99
N TYR B 83 -13.39 -24.38 23.26
CA TYR B 83 -12.37 -23.75 24.09
C TYR B 83 -11.15 -24.65 24.24
N VAL B 84 -11.38 -25.95 24.44
CA VAL B 84 -10.26 -26.87 24.66
C VAL B 84 -9.44 -27.03 23.38
N SER B 85 -10.10 -27.15 22.24
CA SER B 85 -9.38 -27.28 20.99
C SER B 85 -8.59 -26.00 20.68
N SER B 86 -9.18 -24.84 20.96
CA SER B 86 -8.46 -23.59 20.80
C SER B 86 -7.24 -23.56 21.72
N TYR B 87 -7.41 -23.99 22.97
CA TYR B 87 -6.30 -24.01 23.91
C TYR B 87 -5.20 -24.94 23.43
N CYS B 88 -5.58 -26.10 22.88
CA CYS B 88 -4.58 -27.06 22.42
C CYS B 88 -3.83 -26.57 21.20
N ILE B 89 -4.54 -26.00 20.23
CA ILE B 89 -3.86 -25.50 19.04
C ILE B 89 -3.00 -24.30 19.44
N SER B 90 -3.44 -23.50 20.42
CA SER B 90 -2.59 -22.44 20.93
C SER B 90 -1.35 -23.00 21.58
N TRP B 91 -1.49 -24.09 22.33
CA TRP B 91 -0.32 -24.74 22.94
C TRP B 91 0.66 -25.20 21.88
N VAL B 92 0.16 -25.79 20.80
CA VAL B 92 1.03 -26.23 19.71
C VAL B 92 1.71 -25.03 19.07
N SER B 93 0.93 -24.01 18.74
CA SER B 93 1.45 -22.89 17.98
C SER B 93 2.45 -22.08 18.78
N GLY B 94 2.09 -21.72 20.01
CA GLY B 94 2.96 -20.89 20.83
C GLY B 94 4.26 -21.55 21.22
N LYS B 95 4.33 -22.88 21.12
CA LYS B 95 5.59 -23.58 21.37
C LYS B 95 6.38 -23.79 20.08
N VAL B 96 5.69 -24.16 18.98
CA VAL B 96 6.42 -24.38 17.74
C VAL B 96 7.02 -23.08 17.23
N VAL B 97 6.27 -21.97 17.33
CA VAL B 97 6.85 -20.69 16.97
C VAL B 97 7.97 -20.30 17.91
N MET B 98 7.87 -20.66 19.19
CA MET B 98 8.96 -20.33 20.11
C MET B 98 10.24 -21.02 19.72
N THR B 99 10.17 -22.32 19.40
CA THR B 99 11.39 -23.01 19.00
C THR B 99 11.88 -22.53 17.64
N MET B 100 10.97 -22.19 16.73
CA MET B 100 11.39 -21.63 15.45
C MET B 100 12.12 -20.31 15.66
N ARG B 101 11.62 -19.47 16.56
CA ARG B 101 12.27 -18.19 16.78
C ARG B 101 13.61 -18.38 17.47
N ARG B 102 13.69 -19.32 18.42
CA ARG B 102 14.97 -19.63 19.05
C ARG B 102 15.99 -20.07 18.00
N ARG B 103 15.62 -21.04 17.17
CA ARG B 103 16.55 -21.56 16.17
C ARG B 103 16.95 -20.48 15.18
N LEU B 104 15.99 -19.70 14.69
CA LEU B 104 16.35 -18.69 13.70
C LEU B 104 17.23 -17.62 14.30
N PHE B 105 16.95 -17.19 15.54
CA PHE B 105 17.82 -16.21 16.18
C PHE B 105 19.22 -16.79 16.33
N GLY B 106 19.33 -18.06 16.71
CA GLY B 106 20.63 -18.68 16.80
C GLY B 106 21.38 -18.66 15.48
N HIS B 107 20.67 -18.82 14.37
CA HIS B 107 21.28 -18.79 13.04
C HIS B 107 21.06 -17.45 12.33
N MET B 108 20.84 -16.36 13.07
CA MET B 108 20.73 -15.01 12.52
C MET B 108 21.85 -14.10 13.00
N MET B 109 22.06 -14.01 14.32
CA MET B 109 23.16 -13.19 14.81
C MET B 109 24.50 -13.88 14.62
N GLY B 110 24.50 -15.22 14.46
CA GLY B 110 25.73 -15.95 14.23
C GLY B 110 26.19 -15.99 12.79
N MET B 111 25.42 -15.34 11.82
CA MET B 111 25.80 -15.30 10.42
C MET B 111 26.20 -13.88 10.03
N PRO B 112 26.96 -13.69 8.94
CA PRO B 112 27.73 -12.45 8.74
C PRO B 112 26.88 -11.18 8.76
N VAL B 113 27.59 -10.06 8.81
CA VAL B 113 26.98 -8.76 9.09
C VAL B 113 26.43 -8.09 7.84
N SER B 114 26.88 -8.49 6.65
CA SER B 114 26.43 -7.83 5.42
C SER B 114 24.94 -7.95 5.21
N PHE B 115 24.28 -8.93 5.82
CA PHE B 115 22.83 -9.05 5.68
C PHE B 115 22.12 -7.82 6.22
N PHE B 116 22.55 -7.32 7.37
CA PHE B 116 21.99 -6.06 7.88
C PHE B 116 22.33 -4.90 6.97
N ASP B 117 23.53 -4.87 6.41
CA ASP B 117 24.01 -3.76 5.59
C ASP B 117 23.43 -3.90 4.20
N LYS B 118 22.28 -3.24 3.98
CA LYS B 118 21.67 -3.02 2.66
C LYS B 118 21.03 -4.27 2.08
N GLN B 119 21.21 -5.44 2.71
CA GLN B 119 20.56 -6.65 2.24
C GLN B 119 19.18 -6.81 2.85
N SER B 120 18.96 -6.26 4.04
CA SER B 120 17.64 -6.24 4.66
C SER B 120 17.54 -5.06 5.59
N THR B 121 16.41 -4.37 5.54
CA THR B 121 16.16 -3.19 6.35
C THR B 121 15.49 -3.63 7.66
N GLY B 122 14.92 -2.68 8.40
CA GLY B 122 14.26 -2.98 9.66
C GLY B 122 13.02 -3.83 9.55
N THR B 123 12.53 -4.11 8.34
CA THR B 123 11.37 -4.97 8.17
C THR B 123 11.67 -6.44 8.47
N LEU B 124 12.94 -6.79 8.71
CA LEU B 124 13.28 -8.16 9.08
C LEU B 124 12.57 -8.61 10.35
N LEU B 125 12.18 -7.68 11.23
CA LEU B 125 11.35 -8.07 12.36
C LEU B 125 10.06 -8.71 11.88
N SER B 126 9.38 -8.08 10.92
CA SER B 126 8.23 -8.70 10.29
C SER B 126 8.59 -10.03 9.64
N ARG B 127 9.84 -10.18 9.19
CA ARG B 127 10.22 -11.47 8.59
C ARG B 127 10.30 -12.55 9.66
N ILE B 128 10.56 -12.18 10.91
CA ILE B 128 10.68 -13.16 12.00
C ILE B 128 9.56 -13.04 13.02
N THR B 129 8.83 -11.93 13.04
CA THR B 129 7.73 -11.74 13.99
C THR B 129 6.38 -12.01 13.33
N TYR B 130 6.08 -11.29 12.26
CA TYR B 130 4.75 -11.38 11.67
C TYR B 130 4.57 -12.67 10.86
N ASP B 131 5.61 -13.12 10.15
CA ASP B 131 5.48 -14.39 9.43
C ASP B 131 5.50 -15.59 10.35
N SER B 132 6.09 -15.49 11.54
CA SER B 132 5.94 -16.57 12.50
C SER B 132 4.47 -16.75 12.88
N GLU B 133 3.79 -15.66 13.20
CA GLU B 133 2.35 -15.74 13.44
C GLU B 133 1.61 -16.15 12.17
N GLN B 134 2.15 -15.83 10.99
CA GLN B 134 1.49 -16.25 9.75
C GLN B 134 1.52 -17.76 9.61
N VAL B 135 2.68 -18.38 9.82
CA VAL B 135 2.76 -19.83 9.72
C VAL B 135 1.92 -20.47 10.81
N ALA B 136 1.89 -19.88 12.01
CA ALA B 136 1.06 -20.41 13.08
C ALA B 136 -0.42 -20.35 12.69
N SER B 137 -0.87 -19.20 12.19
CA SER B 137 -2.27 -19.05 11.82
C SER B 137 -2.64 -19.98 10.69
N SER B 138 -1.75 -20.16 9.71
CA SER B 138 -2.07 -21.05 8.60
C SER B 138 -2.11 -22.50 9.04
N SER B 139 -1.19 -22.92 9.91
CA SER B 139 -1.25 -24.29 10.43
C SER B 139 -2.53 -24.51 11.21
N SER B 140 -2.91 -23.53 12.05
CA SER B 140 -4.16 -23.63 12.80
C SER B 140 -5.36 -23.69 11.87
N GLY B 141 -5.36 -22.86 10.83
CA GLY B 141 -6.44 -22.87 9.87
C GLY B 141 -6.56 -24.21 9.17
N ALA B 142 -5.43 -24.77 8.76
CA ALA B 142 -5.44 -26.08 8.12
C ALA B 142 -5.97 -27.15 9.06
N LEU B 143 -5.55 -27.09 10.33
CA LEU B 143 -6.04 -28.07 11.29
C LEU B 143 -7.54 -27.97 11.51
N ILE B 144 -8.09 -26.77 11.64
CA ILE B 144 -9.53 -26.66 11.84
C ILE B 144 -10.25 -27.08 10.56
N THR B 145 -9.74 -26.71 9.39
CA THR B 145 -10.42 -26.90 8.12
C THR B 145 -10.23 -28.30 7.56
N VAL B 146 -9.41 -29.14 8.19
CA VAL B 146 -9.30 -30.54 7.83
C VAL B 146 -9.98 -31.44 8.85
N VAL B 147 -10.08 -30.98 10.11
CA VAL B 147 -10.72 -31.77 11.16
C VAL B 147 -12.16 -31.32 11.39
N ARG B 148 -12.40 -30.04 11.69
CA ARG B 148 -13.79 -29.59 11.87
C ARG B 148 -14.53 -29.70 10.54
N GLU B 149 -14.06 -28.97 9.54
CA GLU B 149 -14.48 -29.21 8.17
C GLU B 149 -13.65 -30.36 7.62
N GLY B 150 -14.31 -31.39 7.11
CA GLY B 150 -13.71 -32.67 6.83
C GLY B 150 -14.18 -33.77 7.76
N ALA B 151 -14.67 -33.40 8.95
CA ALA B 151 -15.47 -34.29 9.79
C ALA B 151 -16.88 -33.76 10.01
N SER B 152 -17.08 -32.44 9.96
CA SER B 152 -18.43 -31.94 9.80
C SER B 152 -19.01 -32.43 8.48
N ILE B 153 -18.19 -32.48 7.43
CA ILE B 153 -18.68 -32.99 6.16
C ILE B 153 -19.06 -34.45 6.26
N ILE B 154 -18.25 -35.28 6.93
CA ILE B 154 -18.60 -36.70 7.01
C ILE B 154 -19.81 -36.90 7.92
N GLY B 155 -19.97 -36.06 8.94
CA GLY B 155 -21.12 -36.14 9.80
C GLY B 155 -22.39 -35.81 9.05
N LEU B 156 -22.34 -34.73 8.25
CA LEU B 156 -23.52 -34.36 7.48
C LEU B 156 -23.74 -35.28 6.29
N PHE B 157 -22.70 -35.97 5.83
CA PHE B 157 -22.83 -36.88 4.71
C PHE B 157 -23.51 -38.18 5.11
N ILE B 158 -23.42 -38.59 6.37
CA ILE B 158 -23.96 -39.88 6.78
C ILE B 158 -25.47 -39.80 7.01
N MET B 159 -26.08 -38.64 6.73
CA MET B 159 -27.53 -38.56 6.85
C MET B 159 -28.23 -39.47 5.85
N MET B 160 -27.60 -39.71 4.69
CA MET B 160 -28.25 -40.56 3.69
C MET B 160 -28.38 -42.00 4.18
N PHE B 161 -27.31 -42.57 4.73
CA PHE B 161 -27.39 -43.95 5.20
C PHE B 161 -28.40 -44.11 6.33
N TYR B 162 -28.50 -43.11 7.21
CA TYR B 162 -29.52 -43.14 8.24
C TYR B 162 -30.92 -42.94 7.66
N TYR B 163 -31.04 -42.16 6.59
CA TYR B 163 -32.33 -41.83 5.98
C TYR B 163 -32.46 -42.36 4.55
N SER B 164 -31.58 -41.97 3.65
CA SER B 164 -31.76 -42.26 2.22
C SER B 164 -31.22 -43.64 1.89
N TRP B 165 -32.11 -44.62 2.01
CA TRP B 165 -31.86 -45.92 1.38
C TRP B 165 -32.08 -45.81 -0.12
N GLN B 166 -33.11 -45.07 -0.55
CA GLN B 166 -33.38 -44.85 -1.96
C GLN B 166 -33.90 -43.43 -2.26
N LEU B 167 -33.96 -42.52 -1.27
CA LEU B 167 -34.74 -41.30 -1.43
C LEU B 167 -33.92 -40.07 -1.79
N SER B 168 -32.68 -39.95 -1.30
CA SER B 168 -31.87 -38.75 -1.50
C SER B 168 -30.56 -39.03 -2.22
N ILE B 169 -30.37 -40.24 -2.75
CA ILE B 169 -29.17 -40.51 -3.52
C ILE B 169 -29.18 -39.69 -4.80
N ILE B 170 -30.37 -39.46 -5.36
CA ILE B 170 -30.46 -38.63 -6.55
C ILE B 170 -30.00 -37.22 -6.26
N LEU B 171 -30.18 -36.74 -5.03
CA LEU B 171 -29.73 -35.39 -4.69
C LEU B 171 -28.21 -35.27 -4.76
N ILE B 172 -27.49 -36.22 -4.15
CA ILE B 172 -26.03 -36.14 -4.18
C ILE B 172 -25.50 -36.47 -5.58
N VAL B 173 -26.22 -37.28 -6.36
CA VAL B 173 -25.84 -37.45 -7.76
C VAL B 173 -26.01 -36.14 -8.52
N LEU B 174 -27.03 -35.37 -8.17
CA LEU B 174 -27.30 -34.11 -8.85
C LEU B 174 -26.29 -33.03 -8.48
N ALA B 175 -25.79 -33.05 -7.25
CA ALA B 175 -24.92 -31.96 -6.78
C ALA B 175 -23.71 -31.69 -7.67
N PRO B 176 -22.91 -32.68 -8.12
CA PRO B 176 -21.76 -32.34 -8.96
C PRO B 176 -22.12 -31.67 -10.26
N ILE B 177 -23.28 -31.98 -10.84
CA ILE B 177 -23.72 -31.29 -12.05
C ILE B 177 -23.87 -29.80 -11.76
N VAL B 178 -24.50 -29.47 -10.63
CA VAL B 178 -24.64 -28.08 -10.22
C VAL B 178 -23.27 -27.44 -10.06
N SER B 179 -22.34 -28.16 -9.41
CA SER B 179 -21.02 -27.60 -9.17
C SER B 179 -20.31 -27.28 -10.47
N ILE B 180 -20.26 -28.23 -11.41
CA ILE B 180 -19.51 -27.99 -12.64
C ILE B 180 -20.20 -26.91 -13.47
N ALA B 181 -21.54 -26.90 -13.51
CA ALA B 181 -22.25 -25.92 -14.32
C ALA B 181 -22.02 -24.51 -13.79
N ILE B 182 -22.20 -24.30 -12.47
CA ILE B 182 -22.01 -22.97 -11.94
C ILE B 182 -20.56 -22.55 -12.07
N ARG B 183 -19.60 -23.46 -11.88
CA ARG B 183 -18.20 -23.09 -12.02
C ARG B 183 -17.87 -22.66 -13.45
N VAL B 184 -18.30 -23.43 -14.44
CA VAL B 184 -17.92 -23.11 -15.81
C VAL B 184 -18.60 -21.83 -16.28
N VAL B 185 -19.90 -21.66 -15.96
CA VAL B 185 -20.56 -20.45 -16.41
C VAL B 185 -19.99 -19.23 -15.70
N SER B 186 -19.66 -19.35 -14.40
CA SER B 186 -19.06 -18.23 -13.69
C SER B 186 -17.71 -17.86 -14.29
N LYS B 187 -16.88 -18.86 -14.62
CA LYS B 187 -15.57 -18.56 -15.18
C LYS B 187 -15.69 -17.91 -16.55
N ARG B 188 -16.57 -18.45 -17.41
CA ARG B 188 -16.71 -17.88 -18.75
C ARG B 188 -17.28 -16.47 -18.71
N PHE B 189 -18.25 -16.22 -17.83
CA PHE B 189 -18.79 -14.86 -17.73
C PHE B 189 -17.80 -13.91 -17.08
N ARG B 190 -16.94 -14.41 -16.18
CA ARG B 190 -15.85 -13.60 -15.66
C ARG B 190 -14.93 -13.19 -16.79
N ASN B 191 -14.59 -14.12 -17.68
CA ASN B 191 -13.75 -13.79 -18.83
C ASN B 191 -14.45 -12.78 -19.73
N ILE B 192 -15.75 -12.95 -19.94
CA ILE B 192 -16.51 -12.02 -20.77
C ILE B 192 -16.45 -10.61 -20.18
N SER B 193 -16.64 -10.51 -18.87
CA SER B 193 -16.59 -9.20 -18.22
C SER B 193 -15.18 -8.60 -18.25
N LYS B 194 -14.15 -9.44 -18.14
CA LYS B 194 -12.78 -8.95 -18.03
C LYS B 194 -12.16 -8.58 -19.35
N ASN B 195 -12.60 -9.17 -20.48
CA ASN B 195 -11.96 -8.88 -21.76
C ASN B 195 -12.35 -7.53 -22.37
N MET B 196 -13.04 -6.66 -21.63
CA MET B 196 -13.34 -5.29 -22.05
C MET B 196 -12.81 -4.24 -21.09
N GLN B 197 -12.21 -4.67 -19.97
CA GLN B 197 -11.50 -3.71 -19.12
C GLN B 197 -10.33 -3.08 -19.87
N ASN B 198 -9.73 -3.81 -20.81
CA ASN B 198 -8.68 -3.23 -21.63
C ASN B 198 -9.21 -2.08 -22.46
N THR B 199 -10.40 -2.24 -23.06
CA THR B 199 -10.99 -1.14 -23.81
C THR B 199 -11.36 0.02 -22.91
N MET B 200 -11.83 -0.29 -21.68
CA MET B 200 -12.12 0.77 -20.72
C MET B 200 -10.86 1.57 -20.41
N GLY B 201 -9.74 0.87 -20.21
CA GLY B 201 -8.48 1.54 -19.98
C GLY B 201 -8.02 2.33 -21.20
N GLN B 202 -8.28 1.81 -22.40
CA GLN B 202 -7.91 2.54 -23.60
C GLN B 202 -8.66 3.87 -23.68
N VAL B 203 -9.97 3.86 -23.43
CA VAL B 203 -10.73 5.10 -23.52
C VAL B 203 -10.35 6.05 -22.40
N THR B 204 -10.16 5.55 -21.18
CA THR B 204 -9.80 6.46 -20.11
C THR B 204 -8.38 6.99 -20.27
N THR B 205 -7.49 6.27 -20.94
CA THR B 205 -6.18 6.82 -21.29
C THR B 205 -6.26 7.84 -22.42
N SER B 206 -7.20 7.66 -23.36
CA SER B 206 -7.46 8.74 -24.30
C SER B 206 -7.88 9.99 -23.54
N ALA B 207 -8.76 9.83 -22.54
CA ALA B 207 -9.12 10.96 -21.69
C ALA B 207 -7.92 11.52 -20.94
N GLU B 208 -7.01 10.63 -20.50
CA GLU B 208 -5.77 11.07 -19.89
C GLU B 208 -5.03 12.03 -20.79
N GLN B 209 -4.83 11.64 -22.05
CA GLN B 209 -4.17 12.51 -23.01
C GLN B 209 -4.96 13.80 -23.22
N MET B 210 -6.28 13.71 -23.25
CA MET B 210 -7.10 14.89 -23.46
C MET B 210 -6.85 15.94 -22.38
N LEU B 211 -6.96 15.55 -21.11
CA LEU B 211 -6.78 16.55 -20.06
C LEU B 211 -5.31 16.84 -19.78
N LYS B 212 -4.39 16.00 -20.24
CA LYS B 212 -2.98 16.36 -20.15
C LYS B 212 -2.58 17.34 -21.24
N GLY B 213 -3.39 17.48 -22.28
CA GLY B 213 -3.20 18.54 -23.25
C GLY B 213 -3.90 19.84 -22.86
N HIS B 214 -4.21 20.00 -21.57
CA HIS B 214 -4.88 21.22 -21.14
C HIS B 214 -3.98 22.44 -21.34
N LYS B 215 -2.66 22.28 -21.21
CA LYS B 215 -1.77 23.40 -21.51
C LYS B 215 -1.95 23.85 -22.95
N GLU B 216 -1.85 22.93 -23.90
CA GLU B 216 -1.93 23.28 -25.31
C GLU B 216 -3.28 23.89 -25.66
N VAL B 217 -4.37 23.25 -25.20
CA VAL B 217 -5.68 23.78 -25.56
C VAL B 217 -5.91 25.13 -24.91
N LEU B 218 -5.31 25.38 -23.75
CA LEU B 218 -5.42 26.71 -23.16
C LEU B 218 -4.63 27.73 -23.98
N ILE B 219 -3.51 27.32 -24.60
CA ILE B 219 -2.85 28.25 -25.51
C ILE B 219 -3.77 28.56 -26.67
N PHE B 220 -4.45 27.54 -27.21
CA PHE B 220 -5.31 27.73 -28.38
C PHE B 220 -6.79 27.82 -28.04
N GLY B 221 -7.15 27.78 -26.75
CA GLY B 221 -8.50 28.11 -26.32
C GLY B 221 -9.60 27.24 -26.87
N GLY B 222 -9.28 26.04 -27.36
CA GLY B 222 -10.29 25.18 -27.93
C GLY B 222 -11.01 24.32 -26.89
N GLN B 223 -11.46 24.95 -25.80
CA GLN B 223 -12.13 24.19 -24.76
C GLN B 223 -13.46 23.63 -25.21
N GLU B 224 -14.17 24.32 -26.11
CA GLU B 224 -15.48 23.82 -26.53
C GLU B 224 -15.35 22.62 -27.45
N VAL B 225 -14.43 22.67 -28.41
CA VAL B 225 -14.25 21.52 -29.31
C VAL B 225 -13.65 20.34 -28.53
N GLU B 226 -12.77 20.64 -27.57
CA GLU B 226 -12.30 19.60 -26.67
C GLU B 226 -13.44 19.00 -25.87
N THR B 227 -14.38 19.84 -25.42
CA THR B 227 -15.54 19.35 -24.70
C THR B 227 -16.39 18.45 -25.58
N LYS B 228 -16.50 18.79 -26.87
CA LYS B 228 -17.24 17.94 -27.80
C LYS B 228 -16.56 16.58 -27.97
N ARG B 229 -15.23 16.61 -28.16
CA ARG B 229 -14.47 15.36 -28.26
C ARG B 229 -14.69 14.51 -27.02
N PHE B 230 -14.64 15.14 -25.85
CA PHE B 230 -14.88 14.40 -24.62
C PHE B 230 -16.31 13.93 -24.51
N ASP B 231 -17.26 14.70 -25.06
CA ASP B 231 -18.65 14.24 -25.08
C ASP B 231 -18.74 12.90 -25.79
N LYS B 232 -18.11 12.82 -26.96
CA LYS B 232 -18.15 11.57 -27.72
C LYS B 232 -17.46 10.43 -26.97
N VAL B 233 -16.24 10.68 -26.48
CA VAL B 233 -15.48 9.60 -25.82
C VAL B 233 -16.17 9.20 -24.51
N SER B 234 -16.74 10.17 -23.81
CA SER B 234 -17.45 9.89 -22.58
C SER B 234 -18.70 9.07 -22.84
N ASN B 235 -19.42 9.35 -23.93
CA ASN B 235 -20.54 8.49 -24.31
C ASN B 235 -20.06 7.07 -24.62
N ARG B 236 -18.91 6.95 -25.29
CA ARG B 236 -18.38 5.63 -25.58
C ARG B 236 -18.12 4.84 -24.30
N MET B 237 -17.45 5.46 -23.33
CA MET B 237 -17.19 4.74 -22.09
C MET B 237 -18.45 4.56 -21.26
N ARG B 238 -19.46 5.41 -21.46
CA ARG B 238 -20.74 5.19 -20.78
C ARG B 238 -21.38 3.91 -21.28
N LEU B 239 -21.40 3.71 -22.61
CA LEU B 239 -21.89 2.45 -23.14
C LEU B 239 -21.02 1.29 -22.69
N GLN B 240 -19.71 1.52 -22.57
CA GLN B 240 -18.83 0.47 -22.08
C GLN B 240 -19.18 0.08 -20.64
N GLY B 241 -19.48 1.07 -19.80
CA GLY B 241 -19.91 0.78 -18.44
C GLY B 241 -21.26 0.08 -18.40
N MET B 242 -22.14 0.44 -19.32
CA MET B 242 -23.41 -0.27 -19.45
C MET B 242 -23.15 -1.75 -19.71
N LYS B 243 -22.27 -2.06 -20.66
CA LYS B 243 -21.99 -3.47 -20.95
C LYS B 243 -21.26 -4.15 -19.79
N MET B 244 -20.35 -3.43 -19.14
CA MET B 244 -19.69 -3.90 -17.92
C MET B 244 -20.71 -4.44 -16.94
N VAL B 245 -21.59 -3.55 -16.47
CA VAL B 245 -22.56 -3.97 -15.46
C VAL B 245 -23.58 -4.96 -16.01
N SER B 246 -23.87 -4.93 -17.31
CA SER B 246 -24.78 -5.91 -17.88
C SER B 246 -24.22 -7.32 -17.77
N ALA B 247 -22.90 -7.46 -17.96
CA ALA B 247 -22.29 -8.79 -17.85
C ALA B 247 -22.47 -9.36 -16.44
N SER B 248 -22.11 -8.58 -15.42
CA SER B 248 -22.28 -9.04 -14.05
C SER B 248 -23.75 -9.23 -13.69
N SER B 249 -24.64 -8.44 -14.28
CA SER B 249 -26.06 -8.60 -14.01
C SER B 249 -26.57 -9.92 -14.55
N ILE B 250 -26.31 -10.20 -15.83
CA ILE B 250 -26.80 -11.43 -16.45
C ILE B 250 -26.05 -12.66 -15.96
N SER B 251 -24.92 -12.48 -15.26
CA SER B 251 -24.30 -13.62 -14.59
C SER B 251 -25.21 -14.19 -13.50
N ASP B 252 -25.86 -13.33 -12.72
CA ASP B 252 -26.62 -13.79 -11.56
C ASP B 252 -27.77 -14.73 -11.87
N PRO B 253 -28.72 -14.39 -12.77
CA PRO B 253 -29.82 -15.33 -13.03
C PRO B 253 -29.38 -16.64 -13.62
N ILE B 254 -28.29 -16.67 -14.38
CA ILE B 254 -27.81 -17.93 -14.94
C ILE B 254 -27.40 -18.88 -13.82
N ILE B 255 -26.66 -18.37 -12.83
CA ILE B 255 -26.25 -19.22 -11.72
C ILE B 255 -27.41 -19.53 -10.78
N GLN B 256 -28.39 -18.63 -10.66
CA GLN B 256 -29.56 -18.95 -9.84
C GLN B 256 -30.43 -20.02 -10.50
N LEU B 257 -30.45 -20.04 -11.83
CA LEU B 257 -31.21 -21.04 -12.58
C LEU B 257 -30.78 -22.45 -12.20
N ILE B 258 -29.49 -22.66 -11.95
CA ILE B 258 -29.02 -24.00 -11.62
C ILE B 258 -29.62 -24.45 -10.29
N ALA B 259 -29.63 -23.57 -9.29
CA ALA B 259 -30.24 -23.92 -8.00
C ALA B 259 -31.73 -24.16 -8.14
N SER B 260 -32.43 -23.33 -8.91
CA SER B 260 -33.86 -23.52 -9.09
C SER B 260 -34.16 -24.85 -9.74
N LEU B 261 -33.45 -25.17 -10.82
CA LEU B 261 -33.63 -26.46 -11.48
C LEU B 261 -33.19 -27.61 -10.59
N ALA B 262 -32.25 -27.40 -9.68
CA ALA B 262 -31.90 -28.43 -8.72
C ALA B 262 -33.08 -28.75 -7.83
N LEU B 263 -33.71 -27.72 -7.27
CA LEU B 263 -34.90 -27.93 -6.45
C LEU B 263 -36.00 -28.59 -7.27
N ALA B 264 -36.20 -28.13 -8.50
CA ALA B 264 -37.24 -28.69 -9.36
C ALA B 264 -36.98 -30.16 -9.66
N PHE B 265 -35.72 -30.52 -9.91
CA PHE B 265 -35.37 -31.93 -10.20
C PHE B 265 -35.62 -32.77 -8.95
N VAL B 266 -35.27 -32.24 -7.77
CA VAL B 266 -35.51 -32.96 -6.53
C VAL B 266 -36.99 -33.25 -6.36
N LEU B 267 -37.83 -32.23 -6.57
CA LEU B 267 -39.25 -32.45 -6.38
C LEU B 267 -39.88 -33.26 -7.52
N TYR B 268 -39.28 -33.21 -8.72
CA TYR B 268 -39.76 -34.07 -9.84
C TYR B 268 -39.50 -35.52 -9.42
N ALA B 269 -38.31 -35.81 -8.91
CA ALA B 269 -38.05 -37.13 -8.37
C ALA B 269 -39.03 -37.45 -7.25
N ALA B 270 -39.42 -36.45 -6.48
CA ALA B 270 -40.42 -36.62 -5.43
C ALA B 270 -41.83 -36.79 -5.97
N SER B 271 -42.04 -36.60 -7.27
CA SER B 271 -43.36 -36.80 -7.88
C SER B 271 -43.72 -38.27 -8.10
N PHE B 272 -42.92 -39.21 -7.58
CA PHE B 272 -43.17 -40.64 -7.74
C PHE B 272 -43.39 -41.28 -6.37
N PRO B 273 -44.65 -41.42 -5.90
CA PRO B 273 -44.87 -41.89 -4.52
C PRO B 273 -44.24 -43.23 -4.17
N SER B 274 -43.89 -44.05 -5.16
CA SER B 274 -43.32 -45.38 -4.89
C SER B 274 -42.05 -45.31 -4.07
N VAL B 275 -41.35 -44.18 -4.07
CA VAL B 275 -40.17 -43.98 -3.22
C VAL B 275 -40.56 -43.08 -2.06
N MET B 276 -41.58 -42.24 -2.23
CA MET B 276 -41.99 -41.27 -1.22
C MET B 276 -42.87 -41.87 -0.13
N ASP B 277 -43.14 -43.18 -0.17
CA ASP B 277 -44.05 -43.76 0.82
C ASP B 277 -43.53 -43.65 2.24
N SER B 278 -42.21 -43.53 2.43
CA SER B 278 -41.57 -43.72 3.73
C SER B 278 -40.67 -42.56 4.12
N LEU B 279 -41.16 -41.32 4.01
CA LEU B 279 -40.43 -40.14 4.45
C LEU B 279 -41.15 -39.37 5.55
N THR B 280 -42.41 -39.66 5.81
CA THR B 280 -43.20 -38.86 6.74
C THR B 280 -43.26 -37.43 6.21
N ALA B 281 -42.88 -36.42 7.01
CA ALA B 281 -42.87 -35.03 6.57
C ALA B 281 -41.57 -34.31 6.89
N GLY B 282 -40.96 -34.60 8.03
CA GLY B 282 -39.85 -33.81 8.50
C GLY B 282 -38.53 -34.18 7.87
N THR B 283 -38.44 -35.41 7.34
CA THR B 283 -37.20 -35.86 6.74
C THR B 283 -36.82 -35.03 5.52
N ILE B 284 -37.81 -34.58 4.75
CA ILE B 284 -37.52 -33.64 3.67
C ILE B 284 -36.95 -32.35 4.26
N THR B 285 -37.48 -31.93 5.41
CA THR B 285 -36.97 -30.73 6.07
C THR B 285 -35.52 -30.90 6.48
N VAL B 286 -35.16 -32.05 7.06
CA VAL B 286 -33.79 -32.20 7.54
C VAL B 286 -32.84 -32.34 6.37
N VAL B 287 -33.28 -32.97 5.28
CA VAL B 287 -32.44 -33.02 4.09
C VAL B 287 -32.19 -31.62 3.55
N PHE B 288 -33.24 -30.80 3.47
CA PHE B 288 -33.07 -29.43 3.00
C PHE B 288 -32.17 -28.63 3.93
N SER B 289 -32.33 -28.81 5.24
CA SER B 289 -31.46 -28.13 6.20
C SER B 289 -30.01 -28.56 6.03
N SER B 290 -29.78 -29.84 5.74
CA SER B 290 -28.43 -30.31 5.48
C SER B 290 -27.85 -29.63 4.23
N MET B 291 -28.67 -29.47 3.19
CA MET B 291 -28.24 -28.69 2.03
C MET B 291 -27.90 -27.25 2.41
N ILE B 292 -28.72 -26.63 3.26
CA ILE B 292 -28.42 -25.26 3.69
C ILE B 292 -27.09 -25.21 4.44
N ALA B 293 -26.88 -26.15 5.35
CA ALA B 293 -25.63 -26.20 6.09
C ALA B 293 -24.43 -26.62 5.25
N LEU B 294 -24.67 -27.20 4.06
CA LEU B 294 -23.58 -27.66 3.22
C LEU B 294 -22.88 -26.56 2.44
N MET B 295 -23.47 -25.37 2.34
CA MET B 295 -22.85 -24.32 1.53
C MET B 295 -21.56 -23.81 2.17
N ARG B 296 -21.59 -23.50 3.47
CA ARG B 296 -20.42 -22.92 4.11
C ARG B 296 -19.22 -23.86 4.11
N PRO B 297 -19.31 -25.11 4.59
CA PRO B 297 -18.11 -25.96 4.66
C PRO B 297 -17.47 -26.26 3.32
N LEU B 298 -18.23 -26.43 2.24
CA LEU B 298 -17.59 -26.64 0.95
C LEU B 298 -16.86 -25.38 0.49
N LYS B 299 -17.48 -24.22 0.68
CA LYS B 299 -16.83 -22.97 0.31
C LYS B 299 -15.53 -22.76 1.09
N SER B 300 -15.51 -23.19 2.34
CA SER B 300 -14.26 -23.17 3.09
C SER B 300 -13.30 -24.25 2.60
N LEU B 301 -13.82 -25.41 2.21
CA LEU B 301 -12.99 -26.54 1.79
C LEU B 301 -12.29 -26.30 0.46
N THR B 302 -12.77 -25.36 -0.35
CA THR B 302 -12.14 -25.15 -1.65
C THR B 302 -10.70 -24.68 -1.50
N ASN B 303 -10.44 -23.77 -0.55
CA ASN B 303 -9.17 -23.05 -0.48
C ASN B 303 -8.19 -23.66 0.51
N VAL B 304 -8.46 -24.87 1.01
CA VAL B 304 -7.57 -25.43 2.03
C VAL B 304 -6.21 -25.81 1.46
N ASN B 305 -6.14 -26.31 0.23
CA ASN B 305 -4.83 -26.66 -0.32
C ASN B 305 -3.99 -25.41 -0.57
N ALA B 306 -4.62 -24.30 -0.97
CA ALA B 306 -3.87 -23.06 -1.14
C ALA B 306 -3.44 -22.49 0.21
N GLN B 307 -4.34 -22.50 1.21
CA GLN B 307 -4.00 -22.01 2.52
C GLN B 307 -2.93 -22.86 3.20
N PHE B 308 -2.88 -24.15 2.88
CA PHE B 308 -1.85 -25.02 3.45
C PHE B 308 -0.47 -24.54 3.02
N GLN B 309 -0.34 -24.09 1.77
CA GLN B 309 0.91 -23.59 1.23
C GLN B 309 0.91 -22.07 1.06
N ARG B 310 0.00 -21.37 1.73
CA ARG B 310 0.06 -19.91 1.74
C ARG B 310 1.17 -19.42 2.65
N GLY B 311 1.08 -19.72 3.94
CA GLY B 311 2.12 -19.33 4.89
C GLY B 311 3.22 -20.37 5.00
N MET B 312 2.93 -21.60 4.62
CA MET B 312 3.97 -22.63 4.67
C MET B 312 5.06 -22.37 3.63
N ALA B 313 4.69 -21.76 2.51
CA ALA B 313 5.71 -21.20 1.63
C ALA B 313 6.51 -20.12 2.34
N ALA B 314 5.82 -19.25 3.08
CA ALA B 314 6.54 -18.27 3.89
C ALA B 314 7.39 -18.96 4.95
N CYS B 315 6.93 -20.10 5.47
CA CYS B 315 7.76 -20.87 6.40
C CYS B 315 9.03 -21.36 5.70
N GLN B 316 8.92 -21.74 4.43
CA GLN B 316 10.13 -22.08 3.67
C GLN B 316 11.03 -20.86 3.51
N THR B 317 10.43 -19.68 3.31
CA THR B 317 11.24 -18.46 3.25
C THR B 317 12.03 -18.27 4.54
N LEU B 318 11.38 -18.48 5.69
CA LEU B 318 12.10 -18.41 6.95
C LEU B 318 13.15 -19.50 7.06
N PHE B 319 12.85 -20.69 6.52
CA PHE B 319 13.83 -21.77 6.57
C PHE B 319 15.08 -21.41 5.79
N THR B 320 14.96 -20.60 4.75
CA THR B 320 16.17 -20.15 4.06
C THR B 320 17.10 -19.39 5.01
N ILE B 321 16.54 -18.48 5.82
CA ILE B 321 17.37 -17.80 6.81
C ILE B 321 17.87 -18.78 7.85
N LEU B 322 17.04 -19.78 8.20
CA LEU B 322 17.44 -20.73 9.22
C LEU B 322 18.68 -21.51 8.79
N ASP B 323 18.69 -22.02 7.55
CA ASP B 323 19.80 -22.82 7.05
C ASP B 323 20.85 -21.98 6.33
N SER B 324 20.69 -20.66 6.31
CA SER B 324 21.75 -19.80 5.78
C SER B 324 23.00 -19.95 6.65
N GLU B 325 24.14 -20.02 5.98
CA GLU B 325 25.39 -20.37 6.67
C GLU B 325 25.78 -19.31 7.68
N GLN B 326 26.33 -19.76 8.80
CA GLN B 326 26.83 -18.88 9.84
C GLN B 326 28.26 -18.45 9.52
N GLU B 327 28.79 -17.51 10.31
CA GLU B 327 30.18 -17.11 10.14
C GLU B 327 31.09 -18.28 10.45
N LYS B 328 31.83 -18.73 9.44
CA LYS B 328 32.78 -19.83 9.59
C LYS B 328 34.15 -19.27 9.88
N ASP B 329 34.85 -19.88 10.84
CA ASP B 329 36.21 -19.50 11.21
C ASP B 329 36.96 -20.75 11.62
N GLU B 330 37.70 -21.33 10.67
CA GLU B 330 38.45 -22.55 10.92
C GLU B 330 39.70 -22.32 11.76
N GLY B 331 40.18 -21.08 11.85
CA GLY B 331 41.34 -20.80 12.67
C GLY B 331 41.07 -21.09 14.14
N LYS B 332 42.08 -21.63 14.82
CA LYS B 332 41.98 -22.06 16.20
C LYS B 332 43.07 -21.45 17.08
N ARG B 333 43.69 -20.34 16.64
CA ARG B 333 44.72 -19.68 17.42
C ARG B 333 44.05 -18.81 18.47
N VAL B 334 44.18 -19.22 19.74
CA VAL B 334 43.67 -18.45 20.86
C VAL B 334 44.81 -17.62 21.43
N ILE B 335 44.46 -16.60 22.20
CA ILE B 335 45.44 -15.69 22.79
C ILE B 335 44.85 -15.09 24.04
N GLU B 336 45.66 -14.99 25.10
CA GLU B 336 45.22 -14.38 26.34
C GLU B 336 45.27 -12.87 26.25
N ARG B 337 46.42 -12.33 25.83
CA ARG B 337 46.59 -10.89 25.63
C ARG B 337 47.50 -10.70 24.42
N ALA B 338 46.97 -10.10 23.36
CA ALA B 338 47.69 -9.96 22.09
C ALA B 338 48.50 -8.67 22.14
N THR B 339 49.68 -8.74 22.74
CA THR B 339 50.61 -7.61 22.78
C THR B 339 51.53 -7.63 21.56
N GLY B 340 50.91 -7.58 20.37
CA GLY B 340 51.62 -7.63 19.12
C GLY B 340 51.10 -6.61 18.13
N ASP B 341 51.88 -6.34 17.09
CA ASP B 341 51.46 -5.40 16.05
C ASP B 341 50.33 -5.99 15.22
N VAL B 342 49.49 -5.10 14.69
CA VAL B 342 48.53 -5.43 13.64
C VAL B 342 49.09 -4.81 12.38
N GLU B 343 49.47 -5.66 11.42
CA GLU B 343 50.14 -5.23 10.20
C GLU B 343 49.20 -5.42 9.02
N PHE B 344 48.88 -4.32 8.35
CA PHE B 344 48.06 -4.33 7.14
C PHE B 344 48.99 -4.41 5.93
N ARG B 345 48.51 -5.04 4.86
CA ARG B 345 49.32 -5.17 3.65
C ARG B 345 48.40 -5.22 2.43
N ASN B 346 48.37 -4.12 1.69
CA ASN B 346 47.74 -4.05 0.36
C ASN B 346 46.27 -4.48 0.40
N VAL B 347 45.57 -4.07 1.45
CA VAL B 347 44.15 -4.39 1.61
C VAL B 347 43.36 -3.27 0.94
N THR B 348 42.82 -3.54 -0.24
CA THR B 348 41.95 -2.61 -0.95
C THR B 348 40.61 -3.28 -1.16
N PHE B 349 40.09 -3.89 -0.09
CA PHE B 349 38.92 -4.74 -0.20
C PHE B 349 37.69 -3.95 -0.59
N THR B 350 36.75 -4.63 -1.25
CA THR B 350 35.43 -4.11 -1.56
C THR B 350 34.39 -4.93 -0.81
N TYR B 351 33.57 -4.26 -0.02
CA TYR B 351 32.59 -4.98 0.77
C TYR B 351 31.53 -5.61 -0.14
N PRO B 352 30.99 -6.77 0.20
CA PRO B 352 30.04 -7.42 -0.71
C PRO B 352 28.76 -6.62 -0.86
N GLY B 353 28.09 -6.83 -2.00
CA GLY B 353 26.81 -6.22 -2.30
C GLY B 353 26.89 -5.01 -3.20
N ARG B 354 28.07 -4.41 -3.34
CA ARG B 354 28.22 -3.23 -4.19
C ARG B 354 29.70 -3.05 -4.49
N ASP B 355 30.01 -2.67 -5.73
CA ASP B 355 31.42 -2.35 -6.09
C ASP B 355 31.59 -0.83 -6.09
N VAL B 356 31.68 -0.22 -4.91
CA VAL B 356 31.85 1.26 -4.77
C VAL B 356 33.30 1.63 -5.08
N PRO B 357 33.65 2.92 -5.31
CA PRO B 357 35.06 3.30 -5.48
C PRO B 357 35.72 2.78 -4.20
N ALA B 358 36.88 2.14 -4.32
CA ALA B 358 37.48 1.46 -3.14
C ALA B 358 38.24 2.40 -2.20
N LEU B 359 38.79 1.84 -1.11
CA LEU B 359 39.57 2.55 -0.12
C LEU B 359 41.03 2.49 -0.57
N ARG B 360 41.92 2.85 0.35
CA ARG B 360 43.36 2.94 0.02
C ARG B 360 44.06 1.58 -0.02
N ASN B 361 45.06 1.45 -0.89
CA ASN B 361 45.90 0.26 -0.89
C ASN B 361 46.78 0.35 0.36
N ILE B 362 46.19 -0.02 1.49
CA ILE B 362 46.78 0.20 2.80
C ILE B 362 48.02 -0.67 2.95
N ASN B 363 49.10 -0.07 3.46
CA ASN B 363 50.33 -0.77 3.84
C ASN B 363 50.85 -0.31 5.19
N LEU B 364 50.03 0.37 5.99
CA LEU B 364 50.44 0.96 7.26
C LEU B 364 50.23 -0.02 8.40
N LYS B 365 51.24 -0.14 9.26
CA LYS B 365 51.23 -1.07 10.38
C LYS B 365 51.03 -0.30 11.67
N ILE B 366 50.16 -0.79 12.55
CA ILE B 366 49.97 -0.20 13.87
C ILE B 366 50.62 -1.13 14.90
N PRO B 367 51.70 -0.72 15.58
CA PRO B 367 52.30 -1.61 16.58
C PRO B 367 51.72 -1.43 17.97
N ALA B 368 51.50 -2.56 18.64
CA ALA B 368 51.16 -2.53 20.05
C ALA B 368 52.34 -2.01 20.85
N GLY B 369 52.06 -1.14 21.82
CA GLY B 369 53.10 -0.45 22.55
C GLY B 369 53.63 0.80 21.88
N LYS B 370 53.18 1.10 20.65
CA LYS B 370 53.53 2.31 19.92
C LYS B 370 52.23 2.96 19.49
N THR B 371 51.77 3.94 20.27
CA THR B 371 50.45 4.53 20.03
C THR B 371 50.43 5.28 18.72
N VAL B 372 49.26 5.27 18.06
CA VAL B 372 49.08 5.95 16.80
C VAL B 372 47.60 6.21 16.62
N ALA B 373 47.28 7.32 15.95
CA ALA B 373 45.90 7.73 15.69
C ALA B 373 45.72 7.99 14.21
N LEU B 374 44.55 7.64 13.69
CA LEU B 374 44.22 7.78 12.28
C LEU B 374 43.31 8.99 12.08
N VAL B 375 43.59 9.75 11.03
CA VAL B 375 42.79 10.91 10.64
C VAL B 375 42.28 10.68 9.22
N GLY B 376 40.98 10.92 9.01
CA GLY B 376 40.36 10.77 7.72
C GLY B 376 39.48 11.97 7.41
N ARG B 377 38.69 11.84 6.35
CA ARG B 377 37.86 12.95 5.91
C ARG B 377 36.88 12.48 4.84
N SER B 378 35.63 12.93 4.97
CA SER B 378 34.61 12.83 3.92
C SER B 378 34.27 11.39 3.58
N GLY B 379 33.78 10.67 4.59
CA GLY B 379 33.15 9.37 4.37
C GLY B 379 34.03 8.35 3.67
N SER B 380 35.28 8.22 4.13
CA SER B 380 36.23 7.33 3.49
C SER B 380 35.89 5.85 3.66
N GLY B 381 34.94 5.51 4.52
CA GLY B 381 34.76 4.13 4.92
C GLY B 381 35.82 3.66 5.89
N LYS B 382 36.54 4.59 6.52
CA LYS B 382 37.56 4.23 7.48
C LYS B 382 37.00 3.44 8.65
N SER B 383 35.73 3.66 9.00
CA SER B 383 35.08 2.78 9.96
C SER B 383 35.15 1.33 9.51
N THR B 384 34.99 1.09 8.20
CA THR B 384 35.11 -0.26 7.68
C THR B 384 36.50 -0.83 7.95
N ILE B 385 37.54 0.02 7.95
CA ILE B 385 38.88 -0.46 8.26
C ILE B 385 38.88 -1.06 9.67
N ALA B 386 38.21 -0.41 10.60
CA ALA B 386 38.12 -0.94 11.96
C ALA B 386 37.46 -2.31 11.96
N SER B 387 36.46 -2.52 11.09
CA SER B 387 35.81 -3.81 11.02
C SER B 387 36.77 -4.91 10.65
N LEU B 388 37.83 -4.58 9.89
CA LEU B 388 38.78 -5.61 9.50
C LEU B 388 39.64 -6.04 10.68
N ILE B 389 39.77 -5.21 11.72
CA ILE B 389 40.39 -5.69 12.94
C ILE B 389 39.49 -6.69 13.65
N THR B 390 38.17 -6.55 13.49
CA THR B 390 37.18 -7.41 14.12
C THR B 390 36.59 -8.45 13.16
N ARG B 391 36.85 -8.32 11.86
CA ARG B 391 36.37 -9.27 10.85
C ARG B 391 34.84 -9.38 10.88
N PHE B 392 34.16 -8.26 11.09
CA PHE B 392 32.72 -8.22 10.79
C PHE B 392 32.51 -8.44 9.29
N TYR B 393 33.31 -7.76 8.47
CA TYR B 393 33.26 -7.90 7.02
C TYR B 393 34.37 -8.85 6.58
N ASP B 394 34.35 -9.20 5.30
CA ASP B 394 35.31 -10.11 4.72
C ASP B 394 36.44 -9.34 4.06
N ILE B 395 37.63 -9.93 4.08
CA ILE B 395 38.81 -9.35 3.44
C ILE B 395 38.95 -9.98 2.06
N ASP B 396 39.08 -9.12 1.04
CA ASP B 396 39.12 -9.59 -0.34
C ASP B 396 40.55 -9.89 -0.77
N GLU B 397 41.44 -8.90 -0.68
CA GLU B 397 42.84 -9.04 -1.05
C GLU B 397 43.69 -8.36 0.00
N GLY B 398 45.00 -8.51 -0.14
CA GLY B 398 45.91 -8.09 0.90
C GLY B 398 45.86 -9.05 2.07
N GLU B 399 46.37 -8.58 3.21
CA GLU B 399 46.31 -9.39 4.42
C GLU B 399 46.54 -8.52 5.64
N ILE B 400 45.81 -8.84 6.71
CA ILE B 400 46.01 -8.22 8.02
C ILE B 400 46.48 -9.33 8.95
N LEU B 401 47.69 -9.18 9.49
CA LEU B 401 48.30 -10.19 10.33
C LEU B 401 48.45 -9.66 11.76
N MET B 402 48.31 -10.58 12.70
CA MET B 402 48.26 -10.32 14.14
C MET B 402 49.30 -11.19 14.84
N ASP B 403 50.43 -10.59 15.21
CA ASP B 403 51.46 -11.27 15.97
C ASP B 403 52.03 -12.47 15.20
N GLY B 404 52.43 -12.21 13.95
CA GLY B 404 53.02 -13.25 13.14
C GLY B 404 52.05 -14.29 12.62
N HIS B 405 50.75 -14.04 12.72
CA HIS B 405 49.72 -14.94 12.23
C HIS B 405 48.63 -14.14 11.54
N ASP B 406 48.06 -14.71 10.48
CA ASP B 406 47.12 -13.99 9.65
C ASP B 406 45.79 -13.78 10.39
N LEU B 407 44.88 -13.04 9.76
CA LEU B 407 43.60 -12.74 10.39
C LEU B 407 42.78 -14.00 10.63
N ARG B 408 42.61 -14.82 9.58
CA ARG B 408 41.76 -16.00 9.66
C ARG B 408 42.32 -17.07 10.59
N GLU B 409 43.61 -16.99 10.94
CA GLU B 409 44.22 -18.02 11.77
C GLU B 409 43.63 -18.07 13.17
N TYR B 410 43.09 -16.96 13.67
CA TYR B 410 42.61 -16.89 15.04
C TYR B 410 41.13 -17.24 15.12
N THR B 411 40.74 -17.78 16.27
CA THR B 411 39.33 -17.97 16.56
C THR B 411 38.66 -16.61 16.76
N LEU B 412 37.40 -16.51 16.30
CA LEU B 412 36.67 -15.26 16.46
C LEU B 412 36.49 -14.90 17.93
N ALA B 413 36.41 -15.90 18.81
CA ALA B 413 36.32 -15.61 20.24
C ALA B 413 37.58 -14.91 20.73
N SER B 414 38.74 -15.34 20.25
CA SER B 414 39.99 -14.74 20.73
C SER B 414 40.07 -13.25 20.38
N LEU B 415 39.83 -12.91 19.11
CA LEU B 415 39.84 -11.50 18.73
C LEU B 415 38.68 -10.74 19.35
N ARG B 416 37.55 -11.40 19.59
CA ARG B 416 36.49 -10.78 20.36
C ARG B 416 36.99 -10.35 21.73
N ASN B 417 37.73 -11.24 22.40
CA ASN B 417 38.31 -10.88 23.69
C ASN B 417 39.33 -9.75 23.55
N GLN B 418 40.19 -9.83 22.53
CA GLN B 418 41.28 -8.88 22.42
C GLN B 418 40.81 -7.50 21.98
N VAL B 419 39.95 -7.44 20.98
CA VAL B 419 39.57 -6.17 20.37
C VAL B 419 38.37 -5.60 21.12
N ALA B 420 38.36 -4.28 21.28
CA ALA B 420 37.24 -3.53 21.81
C ALA B 420 36.81 -2.48 20.80
N LEU B 421 35.78 -1.71 21.14
CA LEU B 421 35.21 -0.72 20.22
C LEU B 421 34.56 0.38 21.03
N VAL B 422 34.65 1.61 20.53
CA VAL B 422 33.97 2.76 21.12
C VAL B 422 33.28 3.51 19.98
N SER B 423 32.00 3.81 20.16
CA SER B 423 31.23 4.51 19.14
C SER B 423 30.02 5.16 19.77
N GLN B 424 29.43 6.10 19.03
CA GLN B 424 28.24 6.80 19.52
C GLN B 424 27.04 5.87 19.58
N ASN B 425 26.94 4.93 18.65
CA ASN B 425 25.77 4.06 18.51
C ASN B 425 26.08 2.72 19.14
N VAL B 426 25.57 2.51 20.36
CA VAL B 426 25.68 1.25 21.06
C VAL B 426 24.29 0.89 21.59
N HIS B 427 23.80 -0.28 21.19
CA HIS B 427 22.43 -0.70 21.49
C HIS B 427 22.44 -1.39 22.85
N LEU B 428 22.08 -0.64 23.89
CA LEU B 428 22.07 -1.19 25.23
C LEU B 428 20.92 -2.19 25.36
N PHE B 429 20.88 -2.86 26.51
CA PHE B 429 20.06 -4.04 26.71
C PHE B 429 19.15 -3.86 27.92
N ASN B 430 18.13 -4.72 28.00
CA ASN B 430 17.12 -4.64 29.06
C ASN B 430 17.67 -5.34 30.29
N ASP B 431 18.50 -4.60 31.03
CA ASP B 431 19.04 -5.09 32.29
C ASP B 431 19.49 -3.88 33.09
N THR B 432 20.15 -4.15 34.22
CA THR B 432 20.81 -3.10 34.97
C THR B 432 22.18 -2.81 34.39
N VAL B 433 22.68 -1.60 34.67
CA VAL B 433 23.94 -1.17 34.07
C VAL B 433 25.11 -2.03 34.54
N ALA B 434 25.07 -2.53 35.78
CA ALA B 434 26.20 -3.30 36.29
C ALA B 434 26.44 -4.55 35.46
N ASN B 435 25.39 -5.29 35.12
CA ASN B 435 25.51 -6.41 34.20
C ASN B 435 25.55 -5.99 32.74
N ASN B 436 25.11 -4.77 32.42
CA ASN B 436 25.31 -4.27 31.06
C ASN B 436 26.79 -4.13 30.75
N ILE B 437 27.57 -3.60 31.70
CA ILE B 437 29.01 -3.52 31.52
C ILE B 437 29.69 -4.86 31.70
N ALA B 438 28.98 -5.87 32.21
CA ALA B 438 29.45 -7.24 32.27
C ALA B 438 28.62 -8.15 31.39
N TYR B 439 28.33 -7.69 30.16
CA TYR B 439 27.25 -8.17 29.30
C TYR B 439 27.01 -9.67 29.34
N ALA B 440 28.05 -10.47 29.18
CA ALA B 440 27.98 -11.92 29.35
C ALA B 440 28.94 -12.41 30.42
N ARG B 441 30.20 -12.00 30.34
CA ARG B 441 31.25 -12.49 31.24
C ARG B 441 31.11 -11.78 32.58
N THR B 442 30.12 -12.20 33.36
CA THR B 442 29.80 -11.60 34.65
C THR B 442 30.01 -12.54 35.83
N GLU B 443 30.11 -13.85 35.60
CA GLU B 443 30.20 -14.78 36.71
C GLU B 443 31.49 -14.57 37.52
N GLN B 444 32.64 -14.55 36.83
CA GLN B 444 33.91 -14.36 37.53
C GLN B 444 34.22 -12.90 37.82
N TYR B 445 33.47 -11.96 37.25
CA TYR B 445 33.63 -10.53 37.53
C TYR B 445 32.45 -10.10 38.41
N SER B 446 32.68 -10.04 39.71
CA SER B 446 31.66 -9.66 40.68
C SER B 446 31.49 -8.14 40.70
N ARG B 447 30.73 -7.64 41.67
CA ARG B 447 30.43 -6.21 41.73
C ARG B 447 31.64 -5.37 42.13
N GLU B 448 32.65 -5.97 42.76
CA GLU B 448 33.84 -5.21 43.13
C GLU B 448 34.56 -4.69 41.91
N GLN B 449 34.74 -5.53 40.88
CA GLN B 449 35.38 -5.09 39.66
C GLN B 449 34.44 -4.26 38.79
N ILE B 450 33.15 -4.22 39.12
CA ILE B 450 32.27 -3.21 38.53
C ILE B 450 32.56 -1.84 39.15
N GLU B 451 32.64 -1.78 40.47
CA GLU B 451 32.71 -0.47 41.10
C GLU B 451 34.11 0.14 40.99
N GLU B 452 35.18 -0.66 41.00
CA GLU B 452 36.47 0.00 40.77
C GLU B 452 36.60 0.46 39.33
N ALA B 453 35.91 -0.20 38.38
CA ALA B 453 35.84 0.35 37.04
C ALA B 453 35.07 1.66 37.04
N ALA B 454 33.98 1.71 37.79
CA ALA B 454 33.24 2.96 37.97
C ALA B 454 34.09 4.06 38.60
N ARG B 455 35.13 3.69 39.37
CA ARG B 455 35.91 4.70 40.09
C ARG B 455 36.63 5.64 39.13
N MET B 456 37.35 5.10 38.12
CA MET B 456 37.94 5.93 37.08
C MET B 456 37.08 6.00 35.83
N ALA B 457 35.84 5.51 35.90
CA ALA B 457 34.86 5.86 34.87
C ALA B 457 34.65 7.36 34.82
N TYR B 458 34.64 8.00 35.99
CA TYR B 458 34.27 9.40 36.13
C TYR B 458 32.87 9.67 35.56
N ALA B 459 32.01 8.67 35.64
CA ALA B 459 30.60 8.76 35.28
C ALA B 459 29.73 8.45 36.49
N MET B 460 30.07 9.05 37.64
CA MET B 460 29.34 8.78 38.86
C MET B 460 27.88 9.23 38.75
N ASP B 461 27.68 10.42 38.17
CA ASP B 461 26.32 11.00 38.16
C ASP B 461 26.04 11.85 36.91
N PHE B 462 26.99 11.93 35.97
CA PHE B 462 26.74 12.82 34.81
C PHE B 462 25.44 12.40 34.12
N ILE B 463 25.31 11.10 33.81
CA ILE B 463 24.05 10.59 33.19
C ILE B 463 23.72 9.32 33.98
N ASN B 464 24.66 8.88 34.83
CA ASN B 464 24.47 7.69 35.65
C ASN B 464 24.17 8.05 37.10
N LYS B 465 23.21 8.94 37.32
CA LYS B 465 22.88 9.37 38.68
C LYS B 465 22.33 8.21 39.49
N MET B 466 22.56 8.27 40.80
CA MET B 466 22.12 7.23 41.73
C MET B 466 20.60 7.24 41.79
N ASP B 467 19.98 6.24 41.17
CA ASP B 467 18.55 5.97 41.27
C ASP B 467 18.27 4.64 41.94
N ASN B 468 18.99 3.59 41.54
CA ASN B 468 19.02 2.31 42.24
C ASN B 468 20.46 1.95 42.59
N GLY B 469 21.22 2.92 43.09
CA GLY B 469 22.63 2.72 43.33
C GLY B 469 23.43 2.80 42.05
N LEU B 470 24.71 2.45 42.15
CA LEU B 470 25.57 2.41 40.98
C LEU B 470 25.08 1.41 39.95
N ASP B 471 24.37 0.36 40.38
CA ASP B 471 23.77 -0.60 39.46
C ASP B 471 22.34 -0.15 39.11
N THR B 472 22.25 1.08 38.60
CA THR B 472 20.96 1.64 38.23
C THR B 472 20.33 0.81 37.12
N VAL B 473 19.02 0.62 37.20
CA VAL B 473 18.33 -0.23 36.23
C VAL B 473 18.19 0.54 34.92
N ILE B 474 18.73 -0.03 33.85
CA ILE B 474 18.70 0.60 32.53
C ILE B 474 17.46 0.12 31.80
N GLY B 475 16.64 1.06 31.34
CA GLY B 475 15.44 0.73 30.60
C GLY B 475 15.70 0.68 29.11
N GLU B 476 15.26 -0.40 28.49
CA GLU B 476 15.41 -0.55 27.04
C GLU B 476 14.59 0.51 26.31
N ASN B 477 15.29 1.37 25.56
CA ASN B 477 14.73 2.44 24.74
C ASN B 477 14.02 3.52 25.54
N GLY B 478 14.05 3.46 26.87
CA GLY B 478 13.31 4.38 27.71
C GLY B 478 14.21 5.33 28.49
N VAL B 479 15.42 4.88 28.81
CA VAL B 479 16.31 5.71 29.62
C VAL B 479 16.80 6.91 28.83
N LEU B 480 17.17 6.72 27.56
CA LEU B 480 17.61 7.80 26.68
C LEU B 480 18.82 8.54 27.25
N LEU B 481 19.93 7.82 27.37
CA LEU B 481 21.18 8.39 27.86
C LEU B 481 22.06 8.83 26.70
N SER B 482 23.01 9.72 27.01
CA SER B 482 23.90 10.27 25.99
C SER B 482 24.85 9.20 25.50
N GLY B 483 24.92 9.03 24.17
CA GLY B 483 25.75 7.99 23.59
C GLY B 483 27.23 8.19 23.80
N GLY B 484 27.67 9.44 23.98
CA GLY B 484 29.09 9.69 24.16
C GLY B 484 29.65 9.01 25.40
N GLN B 485 28.92 9.07 26.51
CA GLN B 485 29.35 8.50 27.78
C GLN B 485 28.48 7.31 28.19
N ARG B 486 28.00 6.55 27.21
CA ARG B 486 27.28 5.31 27.49
C ARG B 486 28.19 4.08 27.47
N GLN B 487 29.31 4.11 26.76
CA GLN B 487 30.08 2.89 26.51
C GLN B 487 31.54 3.22 26.25
N ARG B 488 32.40 2.84 27.18
CA ARG B 488 33.85 2.89 26.97
C ARG B 488 34.49 2.07 28.11
N ILE B 489 35.82 1.96 28.13
CA ILE B 489 36.52 0.94 28.92
C ILE B 489 36.20 1.07 30.41
N ALA B 490 36.24 2.28 30.95
CA ALA B 490 35.84 2.56 32.31
C ALA B 490 34.41 3.05 32.40
N ILE B 491 33.97 3.83 31.42
CA ILE B 491 32.58 4.27 31.40
C ILE B 491 31.63 3.09 31.37
N ALA B 492 31.86 2.13 30.46
CA ALA B 492 31.22 0.82 30.60
C ALA B 492 32.18 -0.37 30.63
N ARG B 493 32.61 -0.86 29.46
CA ARG B 493 33.39 -2.12 29.54
C ARG B 493 34.63 -2.16 28.66
N ALA B 494 35.44 -3.23 28.77
CA ALA B 494 36.74 -3.43 28.07
C ALA B 494 37.87 -3.18 29.08
N LEU B 495 37.63 -2.47 30.17
CA LEU B 495 38.65 -2.37 31.25
C LEU B 495 38.72 -3.72 31.97
N LEU B 496 37.55 -4.34 32.19
CA LEU B 496 37.50 -5.66 32.86
C LEU B 496 38.23 -6.68 31.97
N ARG B 497 38.03 -6.57 30.65
CA ARG B 497 38.70 -7.50 29.70
C ARG B 497 40.09 -6.96 29.38
N ASP B 498 40.41 -5.73 29.81
CA ASP B 498 41.74 -5.16 29.58
C ASP B 498 42.12 -5.32 28.11
N SER B 499 41.26 -4.79 27.25
CA SER B 499 41.36 -5.05 25.81
C SER B 499 42.62 -4.42 25.23
N PRO B 500 43.52 -5.20 24.59
CA PRO B 500 44.67 -4.56 23.93
C PRO B 500 44.27 -3.61 22.81
N ILE B 501 43.47 -4.09 21.85
CA ILE B 501 43.08 -3.31 20.68
C ILE B 501 41.70 -2.71 20.91
N LEU B 502 41.52 -1.46 20.49
CA LEU B 502 40.26 -0.74 20.67
C LEU B 502 40.08 0.23 19.51
N ILE B 503 38.81 0.54 19.22
CA ILE B 503 38.43 1.54 18.23
C ILE B 503 37.86 2.75 18.96
N LEU B 504 38.17 3.93 18.43
CA LEU B 504 37.60 5.20 18.90
C LEU B 504 36.96 5.88 17.69
N ASP B 505 35.64 5.76 17.56
CA ASP B 505 34.96 6.31 16.39
C ASP B 505 34.97 7.83 16.40
N GLU B 506 34.60 8.43 17.53
CA GLU B 506 34.52 9.89 17.68
C GLU B 506 33.60 10.49 16.61
N ALA B 507 32.41 9.91 16.52
CA ALA B 507 31.48 10.29 15.45
C ALA B 507 30.94 11.70 15.64
N THR B 508 30.47 12.03 16.84
CA THR B 508 29.79 13.28 17.12
C THR B 508 30.61 14.13 18.09
N SER B 509 30.50 15.45 17.94
CA SER B 509 31.20 16.43 18.77
C SER B 509 30.19 17.47 19.25
N ALA B 510 29.52 17.18 20.36
CA ALA B 510 28.57 18.08 20.99
C ALA B 510 29.23 18.84 22.12
N LEU B 511 28.53 19.86 22.61
CA LEU B 511 29.01 20.68 23.74
C LEU B 511 28.52 20.12 25.07
N ASP B 512 28.75 18.83 25.25
CA ASP B 512 28.45 18.16 26.51
C ASP B 512 29.36 18.72 27.61
N THR B 513 28.79 18.96 28.78
CA THR B 513 29.49 19.65 29.86
C THR B 513 30.53 18.73 30.49
N GLU B 514 31.81 19.10 30.34
CA GLU B 514 32.92 18.34 30.98
C GLU B 514 33.01 16.90 30.44
N SER B 515 31.96 16.43 29.76
CA SER B 515 32.03 15.08 29.13
C SER B 515 33.10 15.10 28.03
N GLU B 516 33.24 16.21 27.31
CA GLU B 516 34.33 16.34 26.31
C GLU B 516 35.69 16.24 27.02
N ARG B 517 35.81 16.88 28.19
CA ARG B 517 37.06 16.75 28.99
C ARG B 517 37.19 15.30 29.45
N ALA B 518 36.08 14.71 29.93
CA ALA B 518 36.07 13.31 30.35
C ALA B 518 36.53 12.40 29.23
N ILE B 519 36.25 12.74 27.96
CA ILE B 519 36.76 11.94 26.86
C ILE B 519 38.28 11.95 26.86
N GLN B 520 38.88 13.13 27.02
CA GLN B 520 40.34 13.19 27.07
C GLN B 520 40.90 12.51 28.33
N ALA B 521 40.17 12.59 29.44
CA ALA B 521 40.59 11.86 30.63
C ALA B 521 40.60 10.37 30.37
N ALA B 522 39.53 9.87 29.77
CA ALA B 522 39.50 8.42 29.45
C ALA B 522 40.61 8.12 28.44
N LEU B 523 40.95 9.09 27.59
CA LEU B 523 42.05 8.90 26.60
C LEU B 523 43.38 8.69 27.32
N ASP B 524 43.69 9.52 28.31
CA ASP B 524 44.96 9.37 29.06
C ASP B 524 44.92 8.07 29.88
N GLU B 525 43.77 7.75 30.47
CA GLU B 525 43.65 6.52 31.29
C GLU B 525 43.77 5.29 30.39
N LEU B 526 43.52 5.46 29.08
CA LEU B 526 43.58 4.32 28.18
C LEU B 526 44.97 4.15 27.57
N GLN B 527 45.48 5.19 26.93
CA GLN B 527 46.65 5.10 26.06
C GLN B 527 47.96 4.99 26.81
N LYS B 528 47.93 4.86 28.14
CA LYS B 528 49.13 4.45 28.86
C LYS B 528 49.67 3.14 28.30
N ASN B 529 48.77 2.22 27.95
CA ASN B 529 49.10 1.03 27.18
C ASN B 529 47.96 0.87 26.17
N ARG B 530 47.90 -0.30 25.52
CA ARG B 530 46.75 -0.66 24.69
C ARG B 530 46.58 0.34 23.53
N THR B 531 47.57 0.29 22.63
CA THR B 531 47.57 1.14 21.45
C THR B 531 46.27 0.98 20.68
N SER B 532 45.67 2.11 20.31
CA SER B 532 44.36 2.12 19.67
C SER B 532 44.28 3.31 18.72
N LEU B 533 43.97 3.03 17.45
CA LEU B 533 43.75 4.09 16.48
C LEU B 533 42.38 4.71 16.70
N VAL B 534 42.16 5.85 16.06
CA VAL B 534 40.92 6.61 16.18
C VAL B 534 40.48 7.03 14.79
N ILE B 535 39.21 7.41 14.70
CA ILE B 535 38.65 8.04 13.50
C ILE B 535 38.36 9.49 13.85
N ALA B 536 39.12 10.40 13.24
CA ALA B 536 39.10 11.81 13.64
C ALA B 536 38.04 12.55 12.83
N HIS B 537 36.78 12.43 13.28
CA HIS B 537 35.75 13.33 12.76
C HIS B 537 36.09 14.76 13.11
N ARG B 538 36.58 14.99 14.32
CA ARG B 538 37.20 16.24 14.73
C ARG B 538 38.67 15.97 15.04
N LEU B 539 39.49 17.00 14.92
CA LEU B 539 40.94 16.88 15.01
C LEU B 539 41.45 17.26 16.41
N SER B 540 40.67 16.93 17.43
CA SER B 540 41.06 17.21 18.82
C SER B 540 41.96 16.12 19.39
N THR B 541 41.85 14.89 18.88
CA THR B 541 42.66 13.78 19.35
C THR B 541 44.01 13.67 18.67
N ILE B 542 44.18 14.30 17.50
CA ILE B 542 45.47 14.22 16.81
C ILE B 542 46.57 14.95 17.57
N GLU B 543 46.23 15.84 18.49
CA GLU B 543 47.25 16.45 19.33
C GLU B 543 47.89 15.40 20.22
N LYS B 544 47.09 14.51 20.79
CA LYS B 544 47.60 13.39 21.59
C LYS B 544 47.76 12.15 20.72
N ALA B 545 48.55 12.31 19.67
CA ALA B 545 48.83 11.23 18.72
C ALA B 545 50.31 11.26 18.36
N ASP B 546 51.01 10.16 18.63
CA ASP B 546 52.45 10.11 18.38
C ASP B 546 52.76 10.26 16.90
N GLU B 547 51.99 9.57 16.05
CA GLU B 547 52.18 9.61 14.59
C GLU B 547 50.86 9.96 13.93
N ILE B 548 50.90 10.94 13.03
CA ILE B 548 49.72 11.36 12.27
C ILE B 548 49.80 10.65 10.92
N VAL B 549 49.23 9.45 10.86
CA VAL B 549 49.09 8.75 9.58
C VAL B 549 48.01 9.47 8.77
N VAL B 550 48.35 9.87 7.55
CA VAL B 550 47.61 10.87 6.81
C VAL B 550 46.80 10.26 5.66
N VAL B 551 46.64 8.94 5.62
CA VAL B 551 45.87 8.34 4.55
C VAL B 551 44.41 8.73 4.69
N GLU B 552 43.80 9.16 3.59
CA GLU B 552 42.42 9.60 3.59
C GLU B 552 41.87 9.48 2.18
N ASP B 553 40.57 9.73 2.05
CA ASP B 553 39.86 9.59 0.78
C ASP B 553 39.89 8.11 0.38
N GLY B 554 39.69 7.82 -0.90
CA GLY B 554 39.62 6.46 -1.39
C GLY B 554 40.93 5.86 -1.86
N VAL B 555 42.05 6.54 -1.66
CA VAL B 555 43.35 6.09 -2.14
C VAL B 555 44.40 6.33 -1.05
N ILE B 556 45.52 5.62 -1.17
CA ILE B 556 46.67 5.84 -0.30
C ILE B 556 47.38 7.10 -0.75
N VAL B 557 47.71 7.98 0.20
CA VAL B 557 48.34 9.25 -0.12
C VAL B 557 49.82 9.12 0.25
N GLU B 558 50.11 9.01 1.55
CA GLU B 558 51.43 8.61 2.05
C GLU B 558 51.26 8.01 3.44
N ARG B 559 52.36 7.51 3.97
CA ARG B 559 52.54 7.23 5.40
C ARG B 559 53.37 8.38 5.98
N GLY B 560 52.70 9.44 6.40
CA GLY B 560 53.38 10.63 6.89
C GLY B 560 53.44 10.74 8.39
N THR B 561 54.37 11.54 8.90
CA THR B 561 54.51 11.81 10.32
C THR B 561 53.98 13.22 10.64
N HIS B 562 54.18 13.67 11.87
CA HIS B 562 53.63 14.95 12.30
C HIS B 562 54.33 16.13 11.66
N ASN B 563 55.64 16.02 11.40
CA ASN B 563 56.45 17.17 11.01
C ASN B 563 56.51 17.41 9.51
N ASP B 564 56.71 16.35 8.72
CA ASP B 564 56.90 16.53 7.28
C ASP B 564 55.69 17.14 6.60
N LEU B 565 54.48 16.73 6.98
CA LEU B 565 53.26 17.25 6.38
C LEU B 565 52.86 18.62 6.90
N LEU B 566 53.39 19.03 8.06
CA LEU B 566 52.97 20.30 8.65
C LEU B 566 53.58 21.50 7.93
N GLU B 567 54.81 21.36 7.42
CA GLU B 567 55.50 22.52 6.83
C GLU B 567 54.78 23.04 5.59
N HIS B 568 54.28 22.15 4.74
CA HIS B 568 53.59 22.52 3.51
C HIS B 568 52.10 22.25 3.68
N ARG B 569 51.31 22.57 2.65
CA ARG B 569 49.88 22.29 2.70
C ARG B 569 49.62 20.79 2.83
N GLY B 570 50.01 20.03 1.80
CA GLY B 570 49.89 18.59 1.87
C GLY B 570 48.46 18.14 2.10
N VAL B 571 48.28 17.32 3.14
CA VAL B 571 46.97 16.83 3.55
C VAL B 571 46.70 17.16 5.01
N TYR B 572 47.66 16.92 5.89
CA TYR B 572 47.46 17.13 7.32
C TYR B 572 47.13 18.60 7.62
N ALA B 573 47.97 19.52 7.14
CA ALA B 573 47.68 20.93 7.31
C ALA B 573 46.41 21.32 6.54
N GLN B 574 46.15 20.67 5.41
CA GLN B 574 44.90 20.94 4.69
C GLN B 574 43.70 20.57 5.57
N LEU B 575 43.65 19.32 6.05
CA LEU B 575 42.56 18.90 6.92
C LEU B 575 42.44 19.80 8.15
N HIS B 576 43.57 20.32 8.64
CA HIS B 576 43.49 21.38 9.65
C HIS B 576 42.75 22.60 9.10
N LYS B 577 43.11 23.05 7.89
CA LYS B 577 42.49 24.31 7.38
C LYS B 577 40.97 24.16 7.22
N MET B 578 40.51 23.09 6.56
CA MET B 578 39.05 22.94 6.31
C MET B 578 38.29 22.77 7.64
N GLN B 579 38.83 21.97 8.56
CA GLN B 579 38.16 21.74 9.87
C GLN B 579 38.12 23.04 10.68
N PHE B 580 39.21 23.82 10.66
CA PHE B 580 39.27 25.06 11.47
C PHE B 580 39.57 26.26 10.57
#